data_6CW9
#
_entry.id   6CW9
#
_cell.length_a   79.223
_cell.length_b   192.026
_cell.length_c   151.113
_cell.angle_alpha   90.000
_cell.angle_beta   90.000
_cell.angle_gamma   90.000
#
_symmetry.space_group_name_H-M   'C 2 2 21'
#
loop_
_entity.id
_entity.type
_entity.pdbx_description
1 polymer 'Chimeric T cell antigen receptor alpha chain. Va14,Va24,Ja18'
2 polymer 'Chimeric T cell antigen receptor beta chain Vb8.2, vb11'
3 polymer 'Antigen-presenting glycoprotein CD1d1'
4 polymer Beta-2-microglobulin
5 branched 2-acetamido-2-deoxy-beta-D-glucopyranose-(1-4)-2-acetamido-2-deoxy-beta-D-glucopyranose
6 branched 2-acetamido-2-deoxy-beta-D-glucopyranose-(1-4)-[alpha-L-fucopyranose-(1-6)]2-acetamido-2-deoxy-beta-D-glucopyranose
7 non-polymer 2-acetamido-2-deoxy-beta-D-glucopyranose
8 non-polymer 'PALMITIC ACID'
9 non-polymer N-[(2S,3S,4R)-1-(alpha-D-galactopyranosyloxy)-3,4-dihydroxy-16-phenylhexadecan-2-yl]octanamide
10 water water
#
loop_
_entity_poly.entity_id
_entity_poly.type
_entity_poly.pdbx_seq_one_letter_code
_entity_poly.pdbx_strand_id
1 'polypeptide(L)'
;TQVEQSPQSLVVRQGENCVLQCNYSVTPDNHLRWFKQDTGKGLVSLTVLVDQKDKTSNGRYSATLDKDAKHSTLHITATL
LDDTATYICVVGDRGSALGRLHFGAGTQLIVIPDIQNPDPAVYQLRDSKSSDKSVCLFTDFDSQTNVSQSKDSDVYITDK
CVLDMRSMDFKSNSAVAWSNKSDFACANAFNNSIIPEDTFFPS
;
C
2 'polypeptide(L)'
;AAVTQSPRNKVAVTGGKVTLSCNQTNNHNNMYWYRQDTGHGLRLIHYSYGAGSTEKGDIPDGYKASRPSQENFSLILELA
TPSQTSVYFCASGDEGYTQYFGPGTRLLVLEDLRNVTPPKVSLFEPSKAEISHTQKATLVCLATGFYPDHVELSWWVNGK
EVHSGVCTDPQPLKEQPALNDSRYSLSSRLRVSATFWQNPRNHFRCQVQFYGLSENDEWTQDRAKPVTQIVSAEAWGRA
;
D
3 'polypeptide(L)'
;KNYTFRCLQMSSFANRSWSRTDSVVWLGDLQTHRWSNDSATISFTKPWSQGKLSNQQWEKLQHMFQVYRVSFTRDIQELV
KMMSPKEDYPIEIQLSAGCEMYPGNASESFLHVAFQGKYVVRFWGTSWQTVPGAPSWLDLPIKVLNADQGTSATVQMLLN
DTCPLFVRGLLEAGKSDLEKQEKPVAWLSSVPSSAHGHRQLVCHVSGFYPKPVWVMWMRGDQEQQGTHRGDFLPNADETW
YLQATLDVEAGEEAGLACRVKHSSLGGQDIILYW
;
A
4 'polypeptide(L)'
;QKTPQIQVYSRHPPENGKPNILNCYVTQFHPPHIEIQMLKNGKKIPKVEMSDMSFSKDWSFYILAHTEFTPTETDTYACR
VKHASMAEPKTVYWDRD
;
B
#
# COMPACT_ATOMS: atom_id res chain seq x y z
N THR A 1 -6.62 -3.13 -14.77
CA THR A 1 -6.11 -2.37 -13.59
C THR A 1 -7.01 -2.61 -12.39
N GLN A 2 -6.55 -2.23 -11.21
CA GLN A 2 -7.35 -2.43 -10.01
C GLN A 2 -8.41 -1.35 -9.73
N VAL A 3 -8.32 -0.20 -10.39
CA VAL A 3 -9.28 0.88 -10.20
C VAL A 3 -9.75 1.37 -11.57
N GLU A 4 -11.05 1.27 -11.80
CA GLU A 4 -11.65 1.65 -13.10
C GLU A 4 -12.71 2.71 -12.93
N GLN A 5 -12.68 3.70 -13.80
CA GLN A 5 -13.59 4.81 -13.76
C GLN A 5 -14.46 4.80 -15.01
N SER A 6 -15.69 5.25 -14.84
CA SER A 6 -16.70 5.38 -15.91
C SER A 6 -17.57 6.62 -15.65
N PRO A 7 -18.02 7.34 -16.67
CA PRO A 7 -17.56 7.23 -18.07
C PRO A 7 -16.08 7.60 -18.26
N GLN A 8 -15.48 7.27 -19.40
CA GLN A 8 -14.13 7.75 -19.69
C GLN A 8 -14.15 9.26 -19.86
N SER A 9 -15.19 9.77 -20.53
CA SER A 9 -15.39 11.19 -20.69
C SER A 9 -16.84 11.50 -20.94
N LEU A 10 -17.20 12.75 -20.72
CA LEU A 10 -18.56 13.20 -20.94
C LEU A 10 -18.57 14.71 -21.12
N VAL A 11 -19.64 15.18 -21.78
CA VAL A 11 -19.89 16.58 -22.05
C VAL A 11 -21.27 16.89 -21.49
N VAL A 12 -21.35 17.91 -20.63
CA VAL A 12 -22.63 18.39 -20.13
C VAL A 12 -22.74 19.89 -20.31
N ARG A 13 -23.95 20.39 -20.14
CA ARG A 13 -24.21 21.82 -20.19
C ARG A 13 -24.29 22.39 -18.78
N GLN A 14 -23.86 23.65 -18.64
CA GLN A 14 -23.91 24.37 -17.37
C GLN A 14 -25.26 24.20 -16.71
N GLY A 15 -25.24 23.98 -15.40
CA GLY A 15 -26.46 23.80 -14.62
C GLY A 15 -26.94 22.36 -14.52
N GLU A 16 -26.51 21.47 -15.43
CA GLU A 16 -26.90 20.04 -15.36
C GLU A 16 -26.08 19.35 -14.28
N ASN A 17 -26.62 18.29 -13.69
CA ASN A 17 -25.90 17.46 -12.73
C ASN A 17 -25.27 16.31 -13.46
N CYS A 18 -24.23 15.72 -12.87
CA CYS A 18 -23.64 14.50 -13.42
C CYS A 18 -23.14 13.59 -12.33
N VAL A 19 -22.90 12.34 -12.71
CA VAL A 19 -22.48 11.29 -11.78
C VAL A 19 -21.32 10.55 -12.40
N LEU A 20 -20.25 10.41 -11.63
CA LEU A 20 -19.02 9.76 -12.08
C LEU A 20 -18.86 8.53 -11.19
N GLN A 21 -18.38 7.42 -11.77
CA GLN A 21 -18.32 6.13 -11.07
C GLN A 21 -16.87 5.69 -10.91
N CYS A 22 -16.60 5.00 -9.82
CA CYS A 22 -15.34 4.33 -9.59
C CYS A 22 -15.63 2.92 -9.11
N ASN A 23 -15.04 1.94 -9.77
CA ASN A 23 -15.16 0.55 -9.32
C ASN A 23 -13.75 -0.01 -9.18
N TYR A 24 -13.51 -0.76 -8.11
CA TYR A 24 -12.18 -1.23 -7.83
C TYR A 24 -12.16 -2.70 -7.39
N SER A 25 -11.00 -3.33 -7.51
CA SER A 25 -10.78 -4.69 -6.98
C SER A 25 -9.68 -4.68 -5.91
N VAL A 26 -9.17 -3.49 -5.56
CA VAL A 26 -8.13 -3.33 -4.54
C VAL A 26 -8.54 -3.99 -3.22
N THR A 27 -7.61 -4.75 -2.63
CA THR A 27 -7.82 -5.45 -1.35
C THR A 27 -6.58 -5.35 -0.45
N PRO A 28 -6.71 -4.91 0.80
CA PRO A 28 -7.93 -4.33 1.39
C PRO A 28 -8.17 -2.91 0.90
N ASP A 29 -9.37 -2.41 1.18
CA ASP A 29 -9.78 -1.07 0.74
C ASP A 29 -10.05 -0.21 1.97
N ASN A 30 -9.04 0.54 2.42
CA ASN A 30 -9.16 1.34 3.65
C ASN A 30 -9.95 2.61 3.39
N HIS A 31 -9.65 3.28 2.30
CA HIS A 31 -10.32 4.54 1.99
C HIS A 31 -10.25 4.80 0.52
N LEU A 32 -11.12 5.71 0.08
CA LEU A 32 -11.21 6.14 -1.30
C LEU A 32 -11.28 7.66 -1.37
N ARG A 33 -10.39 8.24 -2.17
CA ARG A 33 -10.31 9.67 -2.36
C ARG A 33 -10.67 10.04 -3.79
N TRP A 34 -11.39 11.15 -3.95
CA TRP A 34 -11.62 11.78 -5.25
C TRP A 34 -10.79 13.06 -5.37
N PHE A 35 -10.05 13.17 -6.47
CA PHE A 35 -9.26 14.34 -6.80
C PHE A 35 -9.89 15.03 -8.02
N LYS A 36 -9.79 16.35 -8.07
CA LYS A 36 -10.03 17.12 -9.29
C LYS A 36 -8.68 17.58 -9.84
N GLN A 37 -8.44 17.37 -11.13
CA GLN A 37 -7.22 17.86 -11.77
C GLN A 37 -7.54 18.71 -13.00
N ASP A 38 -7.34 20.02 -12.90
CA ASP A 38 -7.52 20.94 -14.04
C ASP A 38 -6.39 20.73 -15.00
N THR A 39 -6.63 21.10 -16.26
CA THR A 39 -5.72 20.72 -17.34
C THR A 39 -4.35 21.33 -17.05
N GLY A 40 -3.32 20.48 -17.14
CA GLY A 40 -1.96 20.85 -16.81
C GLY A 40 -1.68 21.31 -15.38
N LYS A 41 -2.59 21.10 -14.42
CA LYS A 41 -2.37 21.53 -13.05
C LYS A 41 -2.21 20.27 -12.16
N GLY A 42 -2.37 20.46 -10.86
CA GLY A 42 -2.12 19.41 -9.91
C GLY A 42 -3.40 18.83 -9.36
N LEU A 43 -3.25 18.07 -8.29
CA LEU A 43 -4.31 17.26 -7.72
C LEU A 43 -4.93 17.99 -6.56
N VAL A 44 -6.25 18.23 -6.62
CA VAL A 44 -6.97 18.89 -5.55
C VAL A 44 -7.96 17.90 -4.95
N SER A 45 -7.80 17.57 -3.67
CA SER A 45 -8.67 16.59 -3.02
C SER A 45 -10.08 17.17 -2.83
N LEU A 46 -11.11 16.45 -3.27
CA LEU A 46 -12.50 16.86 -3.10
C LEU A 46 -13.14 16.21 -1.88
N THR A 47 -12.81 14.95 -1.63
CA THR A 47 -13.41 14.23 -0.52
C THR A 47 -12.65 12.92 -0.30
N VAL A 48 -12.74 12.39 0.92
CA VAL A 48 -12.24 11.07 1.23
C VAL A 48 -13.35 10.30 1.95
N LEU A 49 -13.58 9.07 1.52
CA LEU A 49 -14.60 8.19 2.11
C LEU A 49 -13.87 7.05 2.79
N VAL A 50 -14.28 6.73 4.01
CA VAL A 50 -13.57 5.78 4.87
C VAL A 50 -14.40 4.63 5.43
N ASP A 51 -15.72 4.76 5.46
CA ASP A 51 -16.58 3.77 6.10
C ASP A 51 -17.15 2.75 5.12
N GLN A 52 -17.66 1.66 5.68
CA GLN A 52 -18.18 0.53 4.91
C GLN A 52 -19.28 0.99 3.93
N LYS A 53 -20.17 1.83 4.43
CA LYS A 53 -21.20 2.47 3.63
C LYS A 53 -21.12 3.94 4.00
N ASP A 54 -20.52 4.75 3.13
CA ASP A 54 -20.19 6.12 3.48
C ASP A 54 -20.84 7.10 2.50
N LYS A 55 -21.08 8.31 3.00
CA LYS A 55 -21.59 9.44 2.22
C LYS A 55 -20.85 10.65 2.68
N THR A 56 -20.41 11.48 1.74
CA THR A 56 -19.78 12.76 2.07
C THR A 56 -20.36 13.85 1.19
N SER A 57 -20.14 15.09 1.60
CA SER A 57 -20.50 16.24 0.76
C SER A 57 -19.55 17.39 0.98
N ASN A 58 -19.38 18.20 -0.04
CA ASN A 58 -18.49 19.33 -0.01
C ASN A 58 -19.01 20.28 -1.08
N GLY A 59 -19.84 21.22 -0.67
CA GLY A 59 -20.43 22.15 -1.60
C GLY A 59 -21.30 21.46 -2.61
N ARG A 60 -21.00 21.66 -3.88
CA ARG A 60 -21.75 21.06 -4.96
C ARG A 60 -21.38 19.60 -5.24
N TYR A 61 -20.34 19.11 -4.61
CA TYR A 61 -19.90 17.74 -4.74
C TYR A 61 -20.46 16.87 -3.64
N SER A 62 -20.92 15.70 -3.97
CA SER A 62 -21.27 14.70 -2.96
C SER A 62 -20.80 13.35 -3.46
N ALA A 63 -20.55 12.44 -2.54
CA ALA A 63 -20.04 11.13 -2.90
C ALA A 63 -20.57 10.03 -1.99
N THR A 64 -20.53 8.82 -2.51
CA THR A 64 -20.92 7.63 -1.78
C THR A 64 -19.79 6.60 -1.91
N LEU A 65 -19.68 5.71 -0.92
CA LEU A 65 -18.81 4.55 -0.99
C LEU A 65 -19.54 3.37 -0.41
N ASP A 66 -19.49 2.25 -1.13
CA ASP A 66 -20.00 0.97 -0.68
C ASP A 66 -18.85 -0.02 -0.84
N LYS A 67 -18.21 -0.35 0.28
CA LYS A 67 -17.04 -1.23 0.29
C LYS A 67 -17.38 -2.68 -0.07
N ASP A 68 -18.57 -3.13 0.31
CA ASP A 68 -19.04 -4.46 -0.14
C ASP A 68 -19.08 -4.57 -1.68
N ALA A 69 -19.59 -3.55 -2.35
CA ALA A 69 -19.70 -3.57 -3.80
C ALA A 69 -18.42 -3.09 -4.46
N LYS A 70 -17.51 -2.50 -3.67
CA LYS A 70 -16.30 -1.84 -4.17
C LYS A 70 -16.64 -0.83 -5.26
N HIS A 71 -17.49 0.09 -4.86
CA HIS A 71 -18.09 1.05 -5.75
C HIS A 71 -18.25 2.40 -5.05
N SER A 72 -17.88 3.47 -5.76
CA SER A 72 -18.07 4.83 -5.29
C SER A 72 -18.63 5.66 -6.45
N THR A 73 -19.44 6.66 -6.11
CA THR A 73 -19.91 7.62 -7.09
C THR A 73 -19.59 9.02 -6.58
N LEU A 74 -19.21 9.90 -7.49
CA LEU A 74 -19.07 11.31 -7.23
C LEU A 74 -20.16 12.02 -8.02
N HIS A 75 -20.95 12.84 -7.33
CA HIS A 75 -22.06 13.61 -7.91
C HIS A 75 -21.64 15.07 -7.91
N ILE A 76 -21.76 15.73 -9.06
CA ILE A 76 -21.57 17.20 -9.15
C ILE A 76 -22.94 17.78 -9.44
N THR A 77 -23.43 18.64 -8.55
CA THR A 77 -24.70 19.34 -8.73
C THR A 77 -24.49 20.71 -9.41
N ALA A 78 -25.37 21.06 -10.34
CA ALA A 78 -25.37 22.38 -10.99
C ALA A 78 -23.98 22.75 -11.48
N THR A 79 -23.53 22.03 -12.51
CA THR A 79 -22.18 22.18 -13.05
C THR A 79 -21.93 23.60 -13.54
N LEU A 80 -20.67 23.98 -13.44
CA LEU A 80 -20.18 25.29 -13.88
C LEU A 80 -19.00 25.03 -14.75
N LEU A 81 -18.68 26.02 -15.56
CA LEU A 81 -17.54 25.96 -16.49
C LEU A 81 -16.29 25.47 -15.80
N ASP A 82 -16.04 25.98 -14.60
CA ASP A 82 -14.82 25.64 -13.83
C ASP A 82 -14.77 24.18 -13.36
N ASP A 83 -15.89 23.44 -13.48
CA ASP A 83 -15.86 21.99 -13.24
C ASP A 83 -15.17 21.21 -14.35
N THR A 84 -14.92 21.85 -15.49
CA THR A 84 -14.24 21.22 -16.59
C THR A 84 -12.82 20.78 -16.13
N ALA A 85 -12.53 19.49 -16.17
CA ALA A 85 -11.38 18.92 -15.49
C ALA A 85 -11.38 17.40 -15.65
N THR A 86 -10.31 16.75 -15.20
CA THR A 86 -10.30 15.31 -15.01
C THR A 86 -10.54 15.00 -13.54
N TYR A 87 -11.38 14.01 -13.27
CA TYR A 87 -11.73 13.60 -11.91
C TYR A 87 -11.17 12.20 -11.68
N ILE A 88 -10.37 12.05 -10.64
CA ILE A 88 -9.58 10.84 -10.41
C ILE A 88 -9.95 10.20 -9.08
N CYS A 89 -10.14 8.88 -9.13
CA CYS A 89 -10.51 8.04 -8.02
C CYS A 89 -9.23 7.36 -7.55
N VAL A 90 -8.96 7.35 -6.23
CA VAL A 90 -7.74 6.72 -5.69
C VAL A 90 -8.14 5.90 -4.49
N VAL A 91 -7.67 4.65 -4.43
CA VAL A 91 -8.00 3.75 -3.29
C VAL A 91 -6.71 3.45 -2.55
N GLY A 92 -6.74 3.69 -1.24
CA GLY A 92 -5.58 3.46 -0.36
C GLY A 92 -5.83 2.15 0.35
N ASP A 93 -4.84 1.25 0.31
CA ASP A 93 -4.97 -0.09 0.87
C ASP A 93 -4.55 -0.26 2.34
N ARG A 94 -4.16 0.82 3.00
CA ARG A 94 -3.92 0.81 4.46
C ARG A 94 -4.36 2.12 5.08
N GLY A 95 -4.68 2.04 6.37
CA GLY A 95 -4.95 3.21 7.19
C GLY A 95 -3.70 3.89 7.76
N SER A 96 -2.54 3.70 7.12
CA SER A 96 -1.27 4.30 7.52
C SER A 96 -0.34 4.41 6.33
N ALA A 97 0.87 4.93 6.59
CA ALA A 97 1.93 5.04 5.57
C ALA A 97 2.47 3.73 5.00
N LEU A 98 2.12 2.59 5.62
CA LEU A 98 2.38 1.29 5.04
C LEU A 98 1.55 1.01 3.76
N GLY A 99 0.57 1.87 3.50
CA GLY A 99 -0.29 1.75 2.32
C GLY A 99 0.32 2.17 1.00
N ARG A 100 -0.21 1.55 -0.04
CA ARG A 100 -0.03 1.94 -1.41
C ARG A 100 -1.33 2.55 -1.89
N LEU A 101 -1.19 3.58 -2.73
CA LEU A 101 -2.32 4.21 -3.42
C LEU A 101 -2.50 3.60 -4.80
N HIS A 102 -3.75 3.29 -5.14
CA HIS A 102 -4.07 2.70 -6.43
C HIS A 102 -4.94 3.71 -7.16
N PHE A 103 -4.42 4.25 -8.26
CA PHE A 103 -5.03 5.39 -8.94
C PHE A 103 -5.84 4.92 -10.14
N GLY A 104 -7.04 5.46 -10.28
CA GLY A 104 -7.79 5.33 -11.51
C GLY A 104 -7.21 6.26 -12.57
N ALA A 105 -7.55 5.99 -13.82
CA ALA A 105 -7.03 6.74 -14.95
C ALA A 105 -7.85 8.01 -15.23
N GLY A 106 -8.95 8.24 -14.53
CA GLY A 106 -9.67 9.49 -14.59
C GLY A 106 -10.86 9.52 -15.53
N THR A 107 -11.77 10.45 -15.25
CA THR A 107 -12.91 10.76 -16.10
C THR A 107 -12.74 12.22 -16.49
N GLN A 108 -12.74 12.51 -17.79
CA GLN A 108 -12.69 13.88 -18.31
C GLN A 108 -14.10 14.47 -18.43
N LEU A 109 -14.35 15.55 -17.71
CA LEU A 109 -15.61 16.26 -17.78
C LEU A 109 -15.41 17.58 -18.53
N ILE A 110 -16.28 17.84 -19.51
CA ILE A 110 -16.38 19.16 -20.15
C ILE A 110 -17.77 19.74 -19.86
N VAL A 111 -17.79 20.98 -19.36
CA VAL A 111 -19.04 21.70 -19.11
C VAL A 111 -19.11 22.84 -20.12
N ILE A 112 -20.17 22.84 -20.93
CA ILE A 112 -20.42 23.88 -21.92
C ILE A 112 -21.11 25.05 -21.23
N PRO A 113 -20.48 26.25 -21.29
CA PRO A 113 -21.04 27.39 -20.60
C PRO A 113 -22.25 27.98 -21.31
N ASP A 114 -23.12 28.59 -20.53
CA ASP A 114 -24.30 29.27 -21.04
C ASP A 114 -23.88 30.66 -21.57
N ILE A 115 -24.06 30.94 -22.85
CA ILE A 115 -23.81 32.29 -23.39
C ILE A 115 -25.16 33.04 -23.39
N GLN A 116 -25.28 34.01 -22.48
CA GLN A 116 -26.55 34.67 -22.16
C GLN A 116 -27.06 35.57 -23.30
N ASN A 117 -26.19 36.42 -23.83
CA ASN A 117 -26.56 37.41 -24.85
C ASN A 117 -25.56 37.41 -26.01
N PRO A 118 -25.70 36.46 -26.95
CA PRO A 118 -24.76 36.40 -28.09
C PRO A 118 -24.73 37.68 -28.94
N ASP A 119 -23.57 38.01 -29.49
CA ASP A 119 -23.38 39.21 -30.29
C ASP A 119 -22.25 38.95 -31.28
N PRO A 120 -22.38 37.87 -32.08
CA PRO A 120 -21.27 37.39 -32.88
C PRO A 120 -20.68 38.46 -33.80
N ALA A 121 -19.36 38.58 -33.81
CA ALA A 121 -18.66 39.60 -34.59
C ALA A 121 -17.28 39.15 -34.98
N VAL A 122 -16.77 39.71 -36.07
CA VAL A 122 -15.39 39.54 -36.49
C VAL A 122 -14.73 40.91 -36.45
N TYR A 123 -13.76 41.08 -35.56
CA TYR A 123 -12.98 42.32 -35.46
C TYR A 123 -11.55 42.12 -35.93
N GLN A 124 -10.95 43.21 -36.39
CA GLN A 124 -9.55 43.21 -36.80
C GLN A 124 -8.74 43.94 -35.74
N LEU A 125 -7.64 43.32 -35.30
CA LEU A 125 -6.77 43.91 -34.27
C LEU A 125 -5.39 44.10 -34.87
N ARG A 126 -4.75 45.23 -34.56
CA ARG A 126 -3.42 45.52 -35.10
C ARG A 126 -2.30 45.37 -34.07
N ASP A 127 -1.14 44.93 -34.55
CA ASP A 127 0.07 44.72 -33.72
C ASP A 127 0.50 46.04 -33.08
N SER A 128 0.85 45.99 -31.80
CA SER A 128 1.27 47.17 -31.04
C SER A 128 2.52 47.86 -31.59
N LYS A 129 3.39 47.10 -32.26
CA LYS A 129 4.66 47.59 -32.76
C LYS A 129 4.61 47.84 -34.25
N SER A 130 4.31 46.82 -35.05
CA SER A 130 4.24 46.96 -36.51
C SER A 130 2.78 47.10 -36.97
N SER A 131 2.36 48.35 -37.21
CA SER A 131 0.99 48.72 -37.61
C SER A 131 0.37 47.81 -38.69
N ASP A 132 1.20 47.36 -39.64
CA ASP A 132 0.77 46.49 -40.76
C ASP A 132 0.31 45.06 -40.41
N LYS A 133 0.92 44.41 -39.42
CA LYS A 133 0.51 43.05 -39.02
C LYS A 133 -0.82 43.09 -38.24
N SER A 134 -1.66 42.07 -38.44
CA SER A 134 -2.96 42.00 -37.74
C SER A 134 -3.46 40.57 -37.50
N VAL A 135 -4.50 40.46 -36.68
CA VAL A 135 -5.23 39.20 -36.49
C VAL A 135 -6.70 39.49 -36.64
N CYS A 136 -7.48 38.44 -36.90
CA CYS A 136 -8.94 38.54 -36.93
C CYS A 136 -9.53 37.80 -35.74
N LEU A 137 -10.42 38.46 -35.02
CA LEU A 137 -10.98 37.92 -33.81
C LEU A 137 -12.47 37.68 -34.03
N PHE A 138 -12.87 36.41 -34.09
CA PHE A 138 -14.28 36.01 -34.16
C PHE A 138 -14.71 35.79 -32.73
N THR A 139 -15.68 36.57 -32.24
CA THR A 139 -16.04 36.56 -30.82
C THR A 139 -17.53 36.74 -30.59
N ASP A 140 -17.96 36.38 -29.37
CA ASP A 140 -19.33 36.60 -28.89
C ASP A 140 -20.43 35.73 -29.53
N PHE A 141 -20.03 34.61 -30.15
CA PHE A 141 -20.94 33.61 -30.69
C PHE A 141 -21.34 32.62 -29.59
N ASP A 142 -22.54 32.03 -29.69
CA ASP A 142 -22.95 31.05 -28.66
C ASP A 142 -22.32 29.67 -28.95
N SER A 143 -22.41 28.79 -27.97
CA SER A 143 -21.67 27.52 -28.04
C SER A 143 -22.20 26.54 -29.10
N GLN A 144 -23.37 26.79 -29.68
CA GLN A 144 -23.83 26.08 -30.88
C GLN A 144 -22.92 26.27 -32.11
N THR A 145 -22.26 27.42 -32.22
CA THR A 145 -21.36 27.69 -33.37
C THR A 145 -20.07 26.88 -33.27
N ASN A 146 -19.66 26.29 -34.40
CA ASN A 146 -18.40 25.54 -34.53
C ASN A 146 -17.42 26.32 -35.41
N VAL A 147 -16.16 26.33 -35.01
CA VAL A 147 -15.10 27.01 -35.75
C VAL A 147 -14.24 25.97 -36.44
N SER A 148 -14.16 26.04 -37.77
CA SER A 148 -13.36 25.09 -38.56
C SER A 148 -11.97 25.63 -38.85
N GLN A 149 -11.02 24.72 -39.02
CA GLN A 149 -9.69 25.05 -39.54
C GLN A 149 -9.80 25.59 -40.96
N SER A 150 -8.79 26.35 -41.40
CA SER A 150 -8.84 26.96 -42.72
C SER A 150 -8.59 25.93 -43.83
N LYS A 151 -9.14 26.22 -45.01
CA LYS A 151 -8.79 25.48 -46.23
C LYS A 151 -7.34 25.78 -46.65
N ASP A 152 -6.93 27.04 -46.56
CA ASP A 152 -5.55 27.48 -46.88
C ASP A 152 -4.58 27.19 -45.71
N SER A 153 -3.51 26.45 -45.98
CA SER A 153 -2.54 26.06 -44.95
C SER A 153 -1.63 27.20 -44.46
N ASP A 154 -1.65 28.34 -45.14
CA ASP A 154 -0.96 29.55 -44.68
C ASP A 154 -1.89 30.52 -43.96
N VAL A 155 -3.11 30.08 -43.67
CA VAL A 155 -4.02 30.78 -42.77
C VAL A 155 -4.12 29.94 -41.50
N TYR A 156 -3.99 30.59 -40.35
CA TYR A 156 -4.02 29.91 -39.05
C TYR A 156 -5.29 30.30 -38.36
N ILE A 157 -5.98 29.30 -37.81
CA ILE A 157 -7.23 29.52 -37.10
C ILE A 157 -7.18 28.67 -35.83
N THR A 158 -7.39 29.31 -34.69
CA THR A 158 -7.34 28.60 -33.41
C THR A 158 -8.69 27.95 -33.14
N ASP A 159 -8.68 26.98 -32.24
CA ASP A 159 -9.91 26.42 -31.72
C ASP A 159 -10.60 27.49 -30.86
N LYS A 160 -11.90 27.33 -30.66
CA LYS A 160 -12.64 28.27 -29.84
C LYS A 160 -12.22 28.16 -28.39
N CYS A 161 -12.55 29.18 -27.62
CA CYS A 161 -12.00 29.35 -26.31
C CYS A 161 -12.91 30.27 -25.51
N VAL A 162 -13.34 29.85 -24.32
CA VAL A 162 -14.24 30.67 -23.49
C VAL A 162 -13.49 31.38 -22.36
N LEU A 163 -13.74 32.68 -22.24
CA LEU A 163 -13.17 33.47 -21.18
C LEU A 163 -14.29 33.93 -20.24
N ASP A 164 -13.91 34.21 -19.00
CA ASP A 164 -14.85 34.56 -17.97
C ASP A 164 -14.38 35.85 -17.29
N MET A 165 -15.11 36.94 -17.54
CA MET A 165 -14.87 38.22 -16.86
C MET A 165 -15.63 38.16 -15.55
N ARG A 166 -14.95 37.66 -14.52
CA ARG A 166 -15.60 37.25 -13.28
C ARG A 166 -16.36 38.37 -12.55
N SER A 167 -15.78 39.56 -12.47
CA SER A 167 -16.40 40.68 -11.74
C SER A 167 -17.67 41.26 -12.42
N MET A 168 -17.85 40.99 -13.71
CA MET A 168 -19.09 41.35 -14.44
C MET A 168 -20.03 40.17 -14.70
N ASP A 169 -19.66 38.96 -14.26
CA ASP A 169 -20.44 37.73 -14.48
C ASP A 169 -20.76 37.50 -15.96
N PHE A 170 -19.73 37.58 -16.79
CA PHE A 170 -19.88 37.61 -18.23
C PHE A 170 -18.92 36.62 -18.84
N LYS A 171 -19.42 35.80 -19.76
CA LYS A 171 -18.59 34.85 -20.49
C LYS A 171 -18.70 35.08 -21.98
N SER A 172 -17.60 34.84 -22.71
CA SER A 172 -17.59 34.94 -24.16
C SER A 172 -16.62 33.97 -24.83
N ASN A 173 -17.07 33.43 -25.96
CA ASN A 173 -16.30 32.53 -26.79
C ASN A 173 -15.50 33.39 -27.75
N SER A 174 -14.36 32.89 -28.18
CA SER A 174 -13.66 33.53 -29.30
C SER A 174 -12.74 32.55 -30.03
N ALA A 175 -12.41 32.89 -31.26
CA ALA A 175 -11.36 32.22 -32.01
C ALA A 175 -10.56 33.28 -32.74
N VAL A 176 -9.31 32.96 -33.06
CA VAL A 176 -8.39 33.92 -33.68
C VAL A 176 -7.93 33.36 -35.01
N ALA A 177 -7.85 34.21 -36.02
CA ALA A 177 -7.29 33.84 -37.31
C ALA A 177 -6.28 34.87 -37.78
N TRP A 178 -5.17 34.39 -38.37
CA TRP A 178 -4.18 35.27 -38.97
C TRP A 178 -3.51 34.58 -40.16
N SER A 179 -2.76 35.35 -40.93
CA SER A 179 -2.05 34.87 -42.13
C SER A 179 -1.07 35.92 -42.66
N ASN A 180 -0.13 35.50 -43.51
CA ASN A 180 0.69 36.42 -44.33
C ASN A 180 0.19 36.62 -45.77
N LYS A 181 -0.66 35.70 -46.26
CA LYS A 181 -1.15 35.73 -47.65
C LYS A 181 -1.80 37.07 -48.02
N SER A 182 -1.62 37.48 -49.29
CA SER A 182 -2.16 38.74 -49.81
C SER A 182 -3.70 38.71 -49.92
N ASP A 183 -4.25 37.50 -50.14
CA ASP A 183 -5.71 37.27 -50.18
C ASP A 183 -6.43 37.35 -48.83
N PHE A 184 -5.70 37.50 -47.72
CA PHE A 184 -6.28 37.42 -46.36
C PHE A 184 -6.79 38.75 -45.76
N ALA A 185 -8.10 38.77 -45.51
CA ALA A 185 -8.78 39.85 -44.81
C ALA A 185 -9.77 39.22 -43.87
N CYS A 186 -10.23 39.99 -42.87
CA CYS A 186 -11.14 39.43 -41.86
C CYS A 186 -12.54 39.11 -42.39
N ALA A 187 -13.03 39.86 -43.38
CA ALA A 187 -14.28 39.50 -44.07
C ALA A 187 -14.33 38.03 -44.49
N ASN A 188 -13.19 37.51 -44.94
CA ASN A 188 -13.07 36.15 -45.47
C ASN A 188 -12.39 35.10 -44.57
N ALA A 189 -11.93 35.48 -43.37
CA ALA A 189 -11.09 34.59 -42.56
C ALA A 189 -11.79 33.31 -42.08
N PHE A 190 -13.06 33.45 -41.69
CA PHE A 190 -13.86 32.33 -41.18
C PHE A 190 -14.91 31.78 -42.19
N ASN A 191 -14.63 31.90 -43.49
CA ASN A 191 -15.52 31.38 -44.56
C ASN A 191 -15.68 29.87 -44.57
N ASN A 192 -14.65 29.14 -44.14
CA ASN A 192 -14.71 27.67 -44.02
C ASN A 192 -15.60 27.21 -42.83
N SER A 193 -16.07 28.13 -41.99
CA SER A 193 -16.95 27.82 -40.86
C SER A 193 -18.38 28.29 -41.10
N ILE A 194 -19.33 27.55 -40.53
CA ILE A 194 -20.72 27.95 -40.53
C ILE A 194 -20.87 28.95 -39.38
N ILE A 195 -20.87 30.24 -39.71
CA ILE A 195 -20.99 31.30 -38.70
C ILE A 195 -22.40 31.89 -38.71
N PRO A 196 -22.86 32.45 -37.59
CA PRO A 196 -24.20 33.04 -37.56
C PRO A 196 -24.51 34.05 -38.68
N GLU A 197 -25.79 34.10 -39.03
CA GLU A 197 -26.28 34.89 -40.17
C GLU A 197 -26.07 36.37 -39.89
N ASP A 198 -26.34 36.76 -38.65
CA ASP A 198 -26.26 38.15 -38.20
C ASP A 198 -24.86 38.59 -37.69
N THR A 199 -23.80 37.86 -38.02
CA THR A 199 -22.44 38.21 -37.58
C THR A 199 -22.04 39.61 -38.03
N PHE A 200 -21.69 40.47 -37.06
CA PHE A 200 -21.27 41.85 -37.31
C PHE A 200 -19.86 41.91 -37.91
N PHE A 201 -19.77 42.44 -39.15
CA PHE A 201 -18.51 42.70 -39.83
C PHE A 201 -18.35 44.21 -39.99
N PRO A 202 -17.61 44.88 -39.09
CA PRO A 202 -17.52 46.34 -39.10
C PRO A 202 -16.77 46.91 -40.32
N SER A 203 -17.08 48.15 -40.70
CA SER A 203 -16.43 48.78 -41.86
C SER A 203 -15.00 49.17 -41.59
N ALA B 1 0.23 21.32 5.06
CA ALA B 1 1.50 20.59 4.69
C ALA B 1 1.81 20.72 3.19
N ALA B 2 2.90 21.46 2.85
CA ALA B 2 3.23 21.80 1.45
C ALA B 2 4.43 21.02 0.88
N VAL B 3 4.42 20.88 -0.45
CA VAL B 3 5.49 20.19 -1.18
C VAL B 3 5.77 20.99 -2.47
N THR B 4 7.04 21.20 -2.79
CA THR B 4 7.43 21.97 -3.98
C THR B 4 8.29 21.09 -4.88
N GLN B 5 8.32 21.41 -6.17
CA GLN B 5 9.07 20.62 -7.13
C GLN B 5 9.85 21.57 -8.01
N SER B 6 11.06 21.16 -8.37
CA SER B 6 11.83 21.94 -9.33
C SER B 6 12.63 21.00 -10.24
N PRO B 7 12.75 21.31 -11.53
CA PRO B 7 12.06 22.42 -12.17
C PRO B 7 10.57 22.08 -12.35
N ARG B 8 9.81 23.04 -12.84
CA ARG B 8 8.40 22.84 -13.15
C ARG B 8 8.20 22.30 -14.56
N ASN B 9 9.18 22.59 -15.41
CA ASN B 9 9.11 22.18 -16.78
C ASN B 9 10.55 21.99 -17.28
N LYS B 10 10.80 20.98 -18.12
CA LYS B 10 12.16 20.66 -18.56
C LYS B 10 12.11 19.99 -19.92
N VAL B 11 12.95 20.50 -20.83
CA VAL B 11 13.20 19.87 -22.13
C VAL B 11 14.61 19.32 -22.07
N ALA B 12 14.77 18.02 -22.34
CA ALA B 12 16.05 17.34 -22.29
C ALA B 12 16.29 16.55 -23.57
N VAL B 13 17.53 16.11 -23.74
CA VAL B 13 17.90 15.29 -24.89
C VAL B 13 18.12 13.84 -24.45
N THR B 14 17.82 12.89 -25.34
CA THR B 14 18.14 11.48 -25.14
C THR B 14 19.62 11.32 -24.77
N GLY B 15 19.89 10.49 -23.77
CA GLY B 15 21.25 10.26 -23.29
C GLY B 15 21.74 11.25 -22.24
N GLY B 16 21.08 12.40 -22.08
CA GLY B 16 21.44 13.36 -21.06
C GLY B 16 20.99 12.95 -19.66
N LYS B 17 21.51 13.66 -18.68
CA LYS B 17 21.18 13.45 -17.28
C LYS B 17 20.14 14.47 -16.86
N VAL B 18 19.07 14.03 -16.22
CA VAL B 18 18.03 14.93 -15.74
C VAL B 18 17.77 14.61 -14.28
N THR B 19 17.72 15.65 -13.45
CA THR B 19 17.40 15.51 -12.05
C THR B 19 16.13 16.26 -11.76
N LEU B 20 15.15 15.57 -11.18
CA LEU B 20 13.90 16.19 -10.72
C LEU B 20 13.92 16.25 -9.19
N SER B 21 13.71 17.43 -8.64
CA SER B 21 13.82 17.63 -7.19
C SER B 21 12.48 17.92 -6.55
N CYS B 22 12.36 17.46 -5.31
CA CYS B 22 11.19 17.64 -4.51
C CYS B 22 11.64 18.09 -3.14
N ASN B 23 11.02 19.15 -2.64
CA ASN B 23 11.32 19.68 -1.30
C ASN B 23 10.06 19.82 -0.45
N GLN B 24 10.15 19.44 0.82
CA GLN B 24 9.09 19.65 1.79
C GLN B 24 9.68 20.00 3.14
N THR B 25 9.06 20.97 3.80
CA THR B 25 9.52 21.45 5.11
C THR B 25 8.56 21.01 6.24
N ASN B 26 7.85 19.89 6.03
CA ASN B 26 6.83 19.39 6.98
C ASN B 26 7.43 18.47 8.03
N ASN B 27 8.74 18.21 7.94
CA ASN B 27 9.40 17.14 8.68
C ASN B 27 8.72 15.76 8.48
N HIS B 28 8.25 15.50 7.26
CA HIS B 28 7.66 14.20 6.93
C HIS B 28 8.78 13.20 6.67
N ASN B 29 8.72 12.02 7.31
CA ASN B 29 9.72 10.98 7.03
C ASN B 29 9.60 10.46 5.60
N ASN B 30 8.39 10.41 5.05
CA ASN B 30 8.08 9.57 3.90
C ASN B 30 7.85 10.40 2.66
N MET B 31 8.52 10.05 1.56
CA MET B 31 8.31 10.75 0.28
C MET B 31 8.23 9.78 -0.89
N TYR B 32 7.58 10.22 -1.96
CA TYR B 32 7.15 9.30 -3.01
C TYR B 32 7.24 10.01 -4.35
N TRP B 33 7.64 9.29 -5.40
CA TRP B 33 7.68 9.85 -6.76
C TRP B 33 6.79 9.00 -7.66
N TYR B 34 5.96 9.68 -8.43
CA TYR B 34 5.04 9.07 -9.39
C TYR B 34 5.21 9.73 -10.74
N ARG B 35 4.79 9.01 -11.79
CA ARG B 35 4.57 9.62 -13.09
C ARG B 35 3.14 9.37 -13.57
N GLN B 36 2.63 10.33 -14.32
CA GLN B 36 1.27 10.32 -14.83
C GLN B 36 1.34 10.40 -16.34
N ASP B 37 0.80 9.38 -17.00
CA ASP B 37 0.73 9.32 -18.46
C ASP B 37 -0.71 9.04 -18.86
N THR B 38 -1.10 9.59 -20.00
CA THR B 38 -2.46 9.44 -20.49
C THR B 38 -2.82 7.96 -20.60
N GLY B 39 -4.05 7.63 -20.21
CA GLY B 39 -4.50 6.25 -20.19
C GLY B 39 -4.14 5.48 -18.93
N HIS B 40 -3.35 6.08 -18.03
CA HIS B 40 -2.99 5.44 -16.77
C HIS B 40 -3.27 6.35 -15.59
N GLY B 41 -3.49 5.73 -14.43
CA GLY B 41 -3.47 6.46 -13.18
C GLY B 41 -2.02 6.78 -12.86
N LEU B 42 -1.78 7.62 -11.85
CA LEU B 42 -0.43 7.82 -11.37
C LEU B 42 0.20 6.47 -11.01
N ARG B 43 1.48 6.30 -11.34
CA ARG B 43 2.22 5.07 -11.07
C ARG B 43 3.48 5.40 -10.25
N LEU B 44 3.69 4.63 -9.18
CA LEU B 44 4.78 4.82 -8.26
C LEU B 44 6.11 4.31 -8.83
N ILE B 45 7.13 5.18 -8.82
CA ILE B 45 8.46 4.88 -9.36
C ILE B 45 9.43 4.46 -8.24
N HIS B 46 9.62 5.36 -7.28
CA HIS B 46 10.48 5.15 -6.10
C HIS B 46 9.86 5.87 -4.92
N TYR B 47 10.22 5.43 -3.72
CA TYR B 47 9.79 6.11 -2.51
C TYR B 47 10.89 6.01 -1.43
N SER B 48 10.66 6.64 -0.29
CA SER B 48 11.70 6.71 0.73
C SER B 48 11.09 6.89 2.08
N TYR B 49 11.60 6.15 3.08
CA TYR B 49 11.16 6.28 4.47
C TYR B 49 12.05 7.20 5.35
N GLY B 50 13.07 7.84 4.77
CA GLY B 50 13.93 8.77 5.54
C GLY B 50 15.23 9.02 4.82
N ALA B 51 16.01 9.97 5.33
CA ALA B 51 17.32 10.27 4.76
C ALA B 51 18.10 8.98 4.60
N GLY B 52 18.67 8.76 3.41
CA GLY B 52 19.41 7.53 3.13
C GLY B 52 18.58 6.33 2.68
N SER B 53 17.26 6.38 2.84
CA SER B 53 16.38 5.28 2.38
C SER B 53 15.93 5.65 0.98
N THR B 54 16.07 4.72 0.05
CA THR B 54 15.34 4.73 -1.21
C THR B 54 14.84 3.32 -1.45
N GLU B 55 13.60 3.20 -1.94
CA GLU B 55 12.98 1.92 -2.21
C GLU B 55 12.35 1.96 -3.58
N LYS B 56 12.47 0.85 -4.28
CA LYS B 56 11.84 0.71 -5.58
C LYS B 56 10.31 0.61 -5.46
N GLY B 57 9.63 1.33 -6.35
CA GLY B 57 8.19 1.27 -6.46
C GLY B 57 7.77 0.22 -7.48
N ASP B 58 6.71 0.52 -8.23
CA ASP B 58 6.18 -0.39 -9.24
C ASP B 58 6.92 -0.29 -10.57
N ILE B 59 7.36 0.92 -10.93
CA ILE B 59 8.07 1.10 -12.22
C ILE B 59 9.40 1.84 -12.06
N PRO B 60 10.34 1.24 -11.33
CA PRO B 60 11.63 1.89 -11.06
C PRO B 60 12.62 1.94 -12.21
N ASP B 61 12.42 1.14 -13.27
CA ASP B 61 13.48 0.95 -14.27
C ASP B 61 13.76 2.25 -15.02
N GLY B 62 15.04 2.61 -15.12
CA GLY B 62 15.47 3.85 -15.79
C GLY B 62 15.59 5.06 -14.89
N TYR B 63 15.23 4.92 -13.61
CA TYR B 63 15.31 5.99 -12.61
C TYR B 63 16.13 5.53 -11.42
N LYS B 64 16.86 6.48 -10.84
CA LYS B 64 17.50 6.31 -9.57
C LYS B 64 16.88 7.37 -8.66
N ALA B 65 16.71 7.02 -7.39
CA ALA B 65 16.21 7.94 -6.39
C ALA B 65 17.33 8.30 -5.44
N SER B 66 17.24 9.47 -4.83
CA SER B 66 18.20 9.94 -3.85
C SER B 66 17.50 10.75 -2.77
N ARG B 67 17.70 10.35 -1.52
CA ARG B 67 17.16 11.07 -0.38
C ARG B 67 18.32 11.57 0.51
N PRO B 68 18.98 12.70 0.14
CA PRO B 68 20.12 13.21 0.92
C PRO B 68 19.76 13.78 2.30
N SER B 69 18.53 14.26 2.46
CA SER B 69 18.07 14.82 3.71
C SER B 69 16.58 14.53 3.85
N GLN B 70 16.07 14.85 5.04
CA GLN B 70 14.63 14.77 5.35
C GLN B 70 13.82 15.61 4.40
N GLU B 71 14.38 16.76 4.02
CA GLU B 71 13.71 17.76 3.19
C GLU B 71 13.65 17.39 1.69
N ASN B 72 14.71 16.80 1.15
CA ASN B 72 14.87 16.68 -0.29
C ASN B 72 14.85 15.23 -0.76
N PHE B 73 14.11 14.99 -1.85
CA PHE B 73 14.01 13.69 -2.50
C PHE B 73 14.11 13.91 -3.97
N SER B 74 15.13 13.33 -4.59
CA SER B 74 15.39 13.56 -6.00
C SER B 74 15.17 12.33 -6.83
N LEU B 75 14.73 12.56 -8.07
CA LEU B 75 14.60 11.53 -9.06
C LEU B 75 15.63 11.83 -10.16
N ILE B 76 16.51 10.86 -10.41
CA ILE B 76 17.64 11.06 -11.30
C ILE B 76 17.44 10.12 -12.48
N LEU B 77 17.41 10.70 -13.68
CA LEU B 77 17.39 9.94 -14.93
C LEU B 77 18.80 10.06 -15.53
N GLU B 78 19.60 9.02 -15.35
CA GLU B 78 21.02 9.04 -15.75
C GLU B 78 21.16 9.11 -17.28
N LEU B 79 20.37 8.31 -17.99
CA LEU B 79 20.38 8.25 -19.45
C LEU B 79 18.95 8.44 -19.96
N ALA B 80 18.54 9.70 -20.06
CA ALA B 80 17.14 10.02 -20.37
C ALA B 80 16.73 9.42 -21.71
N THR B 81 15.51 8.92 -21.79
CA THR B 81 14.94 8.38 -23.03
C THR B 81 13.59 9.03 -23.30
N PRO B 82 13.14 9.04 -24.57
CA PRO B 82 11.82 9.58 -24.92
C PRO B 82 10.63 8.95 -24.17
N SER B 83 10.73 7.69 -23.77
CA SER B 83 9.70 7.03 -22.96
C SER B 83 9.54 7.68 -21.56
N GLN B 84 10.50 8.49 -21.13
CA GLN B 84 10.41 9.23 -19.85
C GLN B 84 9.75 10.60 -19.96
N THR B 85 9.32 10.97 -21.17
CA THR B 85 8.45 12.13 -21.37
C THR B 85 7.18 11.87 -20.56
N SER B 86 6.94 12.70 -19.53
CA SER B 86 5.81 12.48 -18.63
C SER B 86 5.58 13.69 -17.75
N VAL B 87 4.57 13.60 -16.90
CA VAL B 87 4.38 14.55 -15.82
C VAL B 87 4.71 13.77 -14.52
N TYR B 88 5.63 14.32 -13.74
CA TYR B 88 6.13 13.67 -12.54
C TYR B 88 5.57 14.39 -11.34
N PHE B 89 5.08 13.62 -10.37
CA PHE B 89 4.54 14.13 -9.12
C PHE B 89 5.26 13.54 -7.93
N CYS B 90 5.62 14.41 -7.00
CA CYS B 90 6.24 14.01 -5.75
C CYS B 90 5.20 14.18 -4.67
N ALA B 91 5.25 13.35 -3.64
CA ALA B 91 4.41 13.55 -2.47
C ALA B 91 5.19 13.23 -1.22
N SER B 92 4.69 13.71 -0.09
CA SER B 92 5.26 13.37 1.21
C SER B 92 4.15 13.04 2.18
N GLY B 93 4.51 12.40 3.28
CA GLY B 93 3.58 12.23 4.39
C GLY B 93 4.25 11.70 5.64
N ASP B 94 3.51 11.73 6.73
CA ASP B 94 4.02 11.21 8.00
C ASP B 94 3.51 9.77 8.13
N GLU B 95 3.31 9.30 9.36
CA GLU B 95 2.87 7.92 9.58
C GLU B 95 1.43 7.65 9.11
N GLY B 96 0.64 8.70 8.94
CA GLY B 96 -0.74 8.59 8.43
C GLY B 96 -0.77 8.27 6.95
N TYR B 97 -1.93 7.84 6.46
CA TYR B 97 -2.07 7.43 5.06
C TYR B 97 -2.08 8.56 4.02
N THR B 98 -2.29 9.80 4.47
CA THR B 98 -2.42 10.90 3.52
C THR B 98 -1.09 11.20 2.83
N GLN B 99 -1.12 11.33 1.51
CA GLN B 99 0.02 11.79 0.77
C GLN B 99 -0.29 13.18 0.25
N TYR B 100 0.65 14.10 0.48
CA TYR B 100 0.49 15.51 0.13
C TYR B 100 1.31 15.71 -1.13
N PHE B 101 0.63 16.01 -2.23
CA PHE B 101 1.24 16.06 -3.55
C PHE B 101 1.77 17.44 -3.95
N GLY B 102 2.92 17.43 -4.61
CA GLY B 102 3.47 18.60 -5.26
C GLY B 102 2.73 18.96 -6.54
N PRO B 103 3.11 20.08 -7.16
CA PRO B 103 2.38 20.61 -8.30
C PRO B 103 2.67 19.95 -9.63
N GLY B 104 3.64 19.04 -9.70
CA GLY B 104 3.97 18.35 -10.94
C GLY B 104 5.11 18.97 -11.72
N THR B 105 5.86 18.13 -12.42
CA THR B 105 6.95 18.55 -13.31
C THR B 105 6.73 17.90 -14.67
N ARG B 106 6.69 18.72 -15.72
CA ARG B 106 6.53 18.25 -17.09
C ARG B 106 7.90 18.07 -17.70
N LEU B 107 8.21 16.87 -18.15
CA LEU B 107 9.50 16.55 -18.77
C LEU B 107 9.21 16.10 -20.20
N LEU B 108 9.98 16.63 -21.15
CA LEU B 108 9.99 16.17 -22.53
C LEU B 108 11.41 15.81 -22.88
N VAL B 109 11.61 14.58 -23.33
CA VAL B 109 12.91 14.13 -23.79
C VAL B 109 12.85 14.01 -25.31
N LEU B 110 13.60 14.87 -25.99
CA LEU B 110 13.68 14.87 -27.45
C LEU B 110 14.85 14.02 -27.92
N GLU B 111 14.74 13.53 -29.14
CA GLU B 111 15.80 12.73 -29.74
C GLU B 111 17.05 13.57 -29.98
N ASP B 112 16.81 14.84 -30.32
CA ASP B 112 17.85 15.78 -30.72
C ASP B 112 17.34 17.21 -30.46
N LEU B 113 18.24 18.15 -30.16
CA LEU B 113 17.85 19.52 -29.83
C LEU B 113 17.90 20.50 -31.00
N ARG B 114 18.17 20.02 -32.21
CA ARG B 114 18.52 20.92 -33.32
C ARG B 114 17.40 21.87 -33.75
N ASN B 115 16.15 21.49 -33.53
CA ASN B 115 14.99 22.33 -33.92
C ASN B 115 14.50 23.29 -32.82
N VAL B 116 15.10 23.22 -31.63
CA VAL B 116 14.66 24.02 -30.48
C VAL B 116 14.76 25.51 -30.83
N THR B 117 13.67 26.25 -30.66
CA THR B 117 13.58 27.67 -31.07
C THR B 117 12.65 28.44 -30.13
N PRO B 118 13.07 29.61 -29.61
CA PRO B 118 12.15 30.39 -28.78
C PRO B 118 11.06 31.11 -29.59
N PRO B 119 9.96 31.53 -28.93
CA PRO B 119 8.92 32.24 -29.66
C PRO B 119 9.26 33.70 -29.97
N LYS B 120 8.61 34.22 -31.01
CA LYS B 120 8.39 35.66 -31.14
C LYS B 120 7.05 35.90 -30.47
N VAL B 121 6.90 37.05 -29.84
CA VAL B 121 5.64 37.38 -29.18
C VAL B 121 5.17 38.74 -29.66
N SER B 122 3.91 38.80 -30.07
CA SER B 122 3.26 40.02 -30.50
C SER B 122 1.98 40.23 -29.74
N LEU B 123 1.71 41.49 -29.42
CA LEU B 123 0.48 41.91 -28.74
C LEU B 123 -0.36 42.74 -29.68
N PHE B 124 -1.60 42.33 -29.87
CA PHE B 124 -2.54 42.98 -30.77
C PHE B 124 -3.57 43.75 -29.95
N GLU B 125 -3.69 45.04 -30.24
CA GLU B 125 -4.48 45.95 -29.45
C GLU B 125 -5.96 45.85 -29.84
N PRO B 126 -6.86 46.16 -28.88
CA PRO B 126 -8.31 46.06 -29.12
C PRO B 126 -8.82 46.88 -30.29
N SER B 127 -9.79 46.34 -31.02
CA SER B 127 -10.48 47.03 -32.10
C SER B 127 -11.36 48.18 -31.56
N LYS B 128 -11.25 49.36 -32.15
CA LYS B 128 -12.18 50.48 -31.83
C LYS B 128 -13.65 50.08 -32.12
N ALA B 129 -13.86 49.23 -33.10
CA ALA B 129 -15.20 48.70 -33.43
C ALA B 129 -15.78 47.80 -32.33
N GLU B 130 -14.94 46.94 -31.73
CA GLU B 130 -15.37 46.16 -30.57
C GLU B 130 -15.77 47.06 -29.41
N ILE B 131 -14.94 48.08 -29.16
CA ILE B 131 -15.19 49.03 -28.06
C ILE B 131 -16.53 49.74 -28.23
N SER B 132 -16.81 50.26 -29.43
CA SER B 132 -18.08 50.98 -29.64
C SER B 132 -19.28 50.02 -29.70
N HIS B 133 -19.08 48.78 -30.17
CA HIS B 133 -20.17 47.78 -30.23
C HIS B 133 -20.52 47.12 -28.88
N THR B 134 -19.51 46.89 -28.01
CA THR B 134 -19.72 46.12 -26.76
C THR B 134 -19.37 46.82 -25.44
N GLN B 135 -18.69 47.97 -25.51
CA GLN B 135 -18.03 48.58 -24.35
C GLN B 135 -17.03 47.63 -23.67
N LYS B 136 -16.41 46.76 -24.47
CA LYS B 136 -15.36 45.86 -24.00
C LYS B 136 -14.23 45.90 -24.99
N ALA B 137 -13.07 45.44 -24.55
CA ALA B 137 -11.83 45.54 -25.31
C ALA B 137 -11.02 44.25 -25.15
N THR B 138 -10.80 43.54 -26.26
CA THR B 138 -10.09 42.26 -26.25
C THR B 138 -8.68 42.48 -26.81
N LEU B 139 -7.66 42.17 -26.01
CA LEU B 139 -6.27 42.13 -26.46
C LEU B 139 -5.98 40.70 -26.88
N VAL B 140 -5.19 40.53 -27.93
CA VAL B 140 -4.74 39.22 -28.35
C VAL B 140 -3.22 39.17 -28.35
N CYS B 141 -2.69 38.11 -27.74
CA CYS B 141 -1.28 37.81 -27.75
C CYS B 141 -1.03 36.62 -28.65
N LEU B 142 0.02 36.68 -29.44
CA LEU B 142 0.38 35.60 -30.34
C LEU B 142 1.85 35.22 -30.14
N ALA B 143 2.11 33.99 -29.73
CA ALA B 143 3.47 33.46 -29.70
C ALA B 143 3.64 32.60 -30.94
N THR B 144 4.73 32.79 -31.68
CA THR B 144 4.93 32.14 -32.97
C THR B 144 6.36 31.65 -33.14
N GLY B 145 6.52 30.61 -33.98
CA GLY B 145 7.85 30.15 -34.41
C GLY B 145 8.65 29.35 -33.40
N PHE B 146 7.98 28.83 -32.38
CA PHE B 146 8.68 28.15 -31.30
C PHE B 146 8.63 26.63 -31.41
N TYR B 147 9.65 25.99 -30.83
CA TYR B 147 9.73 24.52 -30.75
C TYR B 147 10.62 24.14 -29.57
N PRO B 148 10.29 23.11 -28.78
CA PRO B 148 9.05 22.35 -28.84
C PRO B 148 7.88 23.17 -28.25
N ASP B 149 6.80 22.51 -27.88
CA ASP B 149 5.59 23.22 -27.47
C ASP B 149 5.50 23.55 -25.97
N HIS B 150 6.64 23.53 -25.25
CA HIS B 150 6.65 23.77 -23.79
C HIS B 150 6.78 25.26 -23.50
N VAL B 151 5.62 25.92 -23.47
CA VAL B 151 5.52 27.34 -23.11
C VAL B 151 4.43 27.58 -22.08
N GLU B 152 4.60 28.60 -21.25
CA GLU B 152 3.57 29.06 -20.31
C GLU B 152 3.29 30.52 -20.65
N LEU B 153 2.07 30.80 -21.06
CA LEU B 153 1.68 32.14 -21.43
C LEU B 153 0.89 32.78 -20.30
N SER B 154 1.25 34.00 -19.92
CA SER B 154 0.56 34.72 -18.83
C SER B 154 0.35 36.18 -19.14
N TRP B 155 -0.64 36.77 -18.49
CA TRP B 155 -1.01 38.16 -18.69
C TRP B 155 -0.73 38.99 -17.42
N TRP B 156 -0.21 40.20 -17.62
CA TRP B 156 0.20 41.07 -16.51
C TRP B 156 -0.32 42.47 -16.79
N VAL B 157 -0.97 43.06 -15.80
CA VAL B 157 -1.39 44.44 -15.83
C VAL B 157 -0.71 45.18 -14.66
N ASN B 158 0.08 46.20 -14.99
CA ASN B 158 0.83 46.96 -13.98
C ASN B 158 1.64 46.07 -13.06
N GLY B 159 2.29 45.07 -13.64
CA GLY B 159 3.22 44.23 -12.91
C GLY B 159 2.62 43.14 -12.04
N LYS B 160 1.30 42.94 -12.12
CA LYS B 160 0.63 41.87 -11.39
C LYS B 160 -0.17 41.03 -12.36
N GLU B 161 -0.07 39.71 -12.17
CA GLU B 161 -0.63 38.75 -13.09
C GLU B 161 -2.14 38.80 -13.01
N VAL B 162 -2.80 38.69 -14.16
CA VAL B 162 -4.28 38.63 -14.22
C VAL B 162 -4.73 37.30 -14.83
N HIS B 163 -5.83 36.77 -14.28
CA HIS B 163 -6.48 35.54 -14.73
C HIS B 163 -7.92 35.74 -15.21
N SER B 164 -8.64 36.62 -14.52
CA SER B 164 -9.98 37.01 -14.95
C SER B 164 -9.97 37.59 -16.35
N GLY B 165 -10.89 37.12 -17.20
CA GLY B 165 -11.02 37.61 -18.56
C GLY B 165 -10.03 37.04 -19.54
N VAL B 166 -9.30 35.99 -19.14
CA VAL B 166 -8.28 35.40 -19.99
C VAL B 166 -8.75 34.07 -20.50
N CYS B 167 -8.44 33.79 -21.75
CA CYS B 167 -8.47 32.43 -22.22
C CYS B 167 -7.34 32.19 -23.25
N THR B 168 -6.57 31.13 -23.01
CA THR B 168 -5.42 30.77 -23.85
C THR B 168 -5.73 29.44 -24.54
N ASP B 169 -5.31 29.28 -25.78
CA ASP B 169 -5.63 28.05 -26.54
C ASP B 169 -5.15 26.85 -25.74
N PRO B 170 -5.97 25.79 -25.64
CA PRO B 170 -5.54 24.63 -24.85
C PRO B 170 -4.26 23.97 -25.36
N GLN B 171 -3.96 24.05 -26.65
CA GLN B 171 -2.61 23.69 -27.11
C GLN B 171 -2.12 24.49 -28.32
N PRO B 172 -0.78 24.55 -28.50
CA PRO B 172 -0.27 25.25 -29.67
C PRO B 172 -0.67 24.55 -30.96
N LEU B 173 -0.79 25.32 -32.03
CA LEU B 173 -1.05 24.76 -33.35
C LEU B 173 0.24 24.71 -34.17
N LYS B 174 0.34 23.75 -35.09
CA LYS B 174 1.52 23.56 -35.91
C LYS B 174 1.53 24.58 -37.05
N GLU B 175 2.67 25.21 -37.29
CA GLU B 175 2.77 26.21 -38.37
C GLU B 175 2.90 25.57 -39.75
N GLN B 176 3.61 24.43 -39.79
CA GLN B 176 3.78 23.63 -41.00
C GLN B 176 3.35 22.19 -40.67
N PRO B 177 2.03 21.93 -40.67
CA PRO B 177 1.52 20.61 -40.23
C PRO B 177 2.02 19.40 -41.05
N ALA B 178 2.41 19.63 -42.30
CA ALA B 178 3.00 18.59 -43.14
C ALA B 178 4.43 18.20 -42.73
N LEU B 179 5.14 19.05 -41.97
CA LEU B 179 6.59 18.86 -41.69
C LEU B 179 6.88 18.14 -40.38
N ASN B 180 8.06 17.52 -40.32
CA ASN B 180 8.46 16.60 -39.24
C ASN B 180 8.51 17.26 -37.86
N ASP B 181 9.22 18.36 -37.77
CA ASP B 181 9.37 19.11 -36.51
C ASP B 181 8.86 20.52 -36.75
N SER B 182 7.56 20.61 -37.04
CA SER B 182 6.90 21.89 -37.25
C SER B 182 7.12 22.78 -36.04
N ARG B 183 7.31 24.08 -36.28
CA ARG B 183 7.23 25.07 -35.22
C ARG B 183 5.76 25.23 -34.81
N TYR B 184 5.54 25.91 -33.69
CA TYR B 184 4.20 26.10 -33.15
C TYR B 184 3.84 27.58 -32.98
N SER B 185 2.55 27.85 -33.01
CA SER B 185 1.99 29.13 -32.57
C SER B 185 0.99 28.88 -31.45
N LEU B 186 0.81 29.90 -30.61
CA LEU B 186 -0.17 29.87 -29.53
C LEU B 186 -0.75 31.26 -29.40
N SER B 187 -2.06 31.35 -29.24
CA SER B 187 -2.73 32.63 -29.01
C SER B 187 -3.43 32.65 -27.67
N SER B 188 -3.66 33.85 -27.18
CA SER B 188 -4.40 34.06 -25.95
C SER B 188 -5.17 35.34 -26.07
N ARG B 189 -6.28 35.44 -25.35
CA ARG B 189 -7.04 36.67 -25.26
C ARG B 189 -7.12 37.15 -23.82
N LEU B 190 -7.04 38.46 -23.63
CA LEU B 190 -7.40 39.13 -22.39
C LEU B 190 -8.48 40.16 -22.72
N ARG B 191 -9.66 40.00 -22.12
CA ARG B 191 -10.75 40.94 -22.33
C ARG B 191 -11.02 41.76 -21.08
N VAL B 192 -11.08 43.08 -21.26
CA VAL B 192 -11.29 44.04 -20.19
C VAL B 192 -12.40 45.01 -20.64
N SER B 193 -12.93 45.78 -19.70
CA SER B 193 -13.90 46.84 -20.04
C SER B 193 -13.20 47.93 -20.85
N ALA B 194 -13.96 48.59 -21.73
CA ALA B 194 -13.39 49.65 -22.56
C ALA B 194 -12.70 50.75 -21.73
N THR B 195 -13.29 51.14 -20.60
CA THR B 195 -12.71 52.17 -19.73
C THR B 195 -11.37 51.75 -19.13
N PHE B 196 -11.20 50.47 -18.84
CA PHE B 196 -9.91 49.95 -18.33
C PHE B 196 -8.82 50.02 -19.40
N TRP B 197 -9.12 49.56 -20.62
CA TRP B 197 -8.21 49.72 -21.75
C TRP B 197 -7.97 51.20 -22.14
N GLN B 198 -8.97 52.05 -21.92
CA GLN B 198 -8.85 53.48 -22.25
C GLN B 198 -7.94 54.26 -21.29
N ASN B 199 -7.71 53.73 -20.09
CA ASN B 199 -6.91 54.40 -19.08
C ASN B 199 -5.41 54.31 -19.41
N PRO B 200 -4.76 55.47 -19.69
CA PRO B 200 -3.35 55.41 -20.09
C PRO B 200 -2.34 55.07 -19.01
N ARG B 201 -2.79 54.90 -17.77
CA ARG B 201 -1.94 54.44 -16.68
C ARG B 201 -1.87 52.90 -16.60
N ASN B 202 -2.68 52.19 -17.40
CA ASN B 202 -2.68 50.73 -17.40
C ASN B 202 -1.68 50.20 -18.40
N HIS B 203 -0.71 49.43 -17.88
CA HIS B 203 0.33 48.83 -18.70
C HIS B 203 0.07 47.34 -18.85
N PHE B 204 -0.21 46.91 -20.09
CA PHE B 204 -0.57 45.53 -20.38
C PHE B 204 0.65 44.80 -20.91
N ARG B 205 0.88 43.59 -20.42
CA ARG B 205 1.96 42.77 -20.95
C ARG B 205 1.55 41.30 -21.08
N CYS B 206 1.86 40.70 -22.24
CA CYS B 206 1.74 39.28 -22.46
C CYS B 206 3.13 38.68 -22.35
N GLN B 207 3.30 37.66 -21.50
CA GLN B 207 4.59 37.04 -21.26
C GLN B 207 4.53 35.56 -21.63
N VAL B 208 5.53 35.09 -22.39
CA VAL B 208 5.68 33.67 -22.65
C VAL B 208 7.00 33.17 -22.06
N GLN B 209 6.90 32.29 -21.07
CA GLN B 209 8.03 31.54 -20.55
C GLN B 209 8.25 30.35 -21.48
N PHE B 210 9.41 30.32 -22.12
CA PHE B 210 9.77 29.25 -23.04
C PHE B 210 10.80 28.34 -22.37
N TYR B 211 10.63 27.03 -22.52
CA TYR B 211 11.55 26.04 -21.94
C TYR B 211 12.35 25.44 -23.07
N GLY B 212 13.66 25.63 -23.03
CA GLY B 212 14.55 25.14 -24.08
C GLY B 212 15.81 24.63 -23.45
N LEU B 213 16.94 25.03 -24.02
CA LEU B 213 18.23 24.53 -23.57
C LEU B 213 18.64 25.19 -22.26
N SER B 214 19.47 24.48 -21.49
CA SER B 214 20.15 25.07 -20.34
C SER B 214 21.49 25.65 -20.80
N GLU B 215 22.10 26.43 -19.91
CA GLU B 215 23.47 26.96 -20.09
C GLU B 215 24.48 25.87 -20.45
N ASN B 216 24.30 24.68 -19.88
CA ASN B 216 25.21 23.56 -20.08
C ASN B 216 25.05 22.76 -21.38
N ASP B 217 23.90 22.86 -22.07
CA ASP B 217 23.68 22.08 -23.29
C ASP B 217 24.61 22.57 -24.42
N GLU B 218 25.16 21.64 -25.20
CA GLU B 218 26.08 21.96 -26.28
C GLU B 218 25.27 22.56 -27.43
N TRP B 219 25.87 23.49 -28.16
CA TRP B 219 25.20 24.14 -29.29
C TRP B 219 26.21 24.40 -30.40
N THR B 220 25.97 23.82 -31.58
CA THR B 220 26.90 23.88 -32.70
C THR B 220 26.37 24.65 -33.92
N GLN B 221 25.12 25.13 -33.90
CA GLN B 221 24.56 25.92 -35.00
C GLN B 221 24.96 27.40 -34.86
N ASP B 222 24.90 28.11 -35.99
CA ASP B 222 25.29 29.52 -36.06
C ASP B 222 24.30 30.44 -35.36
N ARG B 223 23.01 30.10 -35.35
CA ARG B 223 22.01 30.91 -34.65
C ARG B 223 22.19 30.93 -33.13
N ALA B 224 21.57 31.92 -32.49
CA ALA B 224 21.64 32.06 -31.03
C ALA B 224 21.13 30.79 -30.32
N LYS B 225 21.77 30.45 -29.21
CA LYS B 225 21.43 29.26 -28.45
C LYS B 225 20.02 29.38 -27.86
N PRO B 226 19.11 28.45 -28.19
CA PRO B 226 17.69 28.61 -27.79
C PRO B 226 17.48 28.17 -26.34
N VAL B 227 17.99 28.99 -25.43
CA VAL B 227 17.92 28.70 -23.99
C VAL B 227 16.51 28.98 -23.46
N THR B 228 16.23 28.40 -22.30
CA THR B 228 15.03 28.74 -21.52
C THR B 228 15.02 30.24 -21.28
N GLN B 229 13.87 30.88 -21.51
CA GLN B 229 13.81 32.35 -21.50
C GLN B 229 12.39 32.83 -21.54
N ILE B 230 12.22 34.10 -21.15
CA ILE B 230 10.97 34.85 -21.30
C ILE B 230 11.03 35.77 -22.52
N VAL B 231 9.96 35.76 -23.29
CA VAL B 231 9.74 36.73 -24.36
C VAL B 231 8.41 37.36 -24.08
N SER B 232 8.32 38.68 -24.21
CA SER B 232 7.05 39.36 -23.91
C SER B 232 6.79 40.49 -24.86
N ALA B 233 5.56 40.97 -24.85
CA ALA B 233 5.20 42.15 -25.62
C ALA B 233 4.20 42.91 -24.79
N GLU B 234 4.17 44.22 -25.02
CA GLU B 234 3.46 45.11 -24.11
C GLU B 234 2.85 46.27 -24.85
N ALA B 235 1.81 46.85 -24.25
CA ALA B 235 1.23 48.12 -24.69
C ALA B 235 0.53 48.80 -23.51
N TRP B 236 0.47 50.12 -23.59
CA TRP B 236 -0.25 50.93 -22.64
C TRP B 236 -1.66 51.19 -23.17
N GLY B 237 -2.62 51.26 -22.26
CA GLY B 237 -3.94 51.73 -22.61
C GLY B 237 -3.94 53.17 -23.14
N ARG B 238 -5.06 53.56 -23.79
CA ARG B 238 -5.21 54.90 -24.44
C ARG B 238 -6.69 55.20 -24.73
N ALA B 239 -7.02 56.49 -24.72
CA ALA B 239 -8.35 56.96 -25.10
C ALA B 239 -8.68 56.64 -26.56
N LYS C 1 -11.49 -26.22 35.26
CA LYS C 1 -12.51 -25.14 35.21
C LYS C 1 -12.09 -24.04 34.23
N ASN C 2 -10.86 -23.52 34.39
CA ASN C 2 -10.34 -22.43 33.54
C ASN C 2 -9.66 -22.97 32.29
N TYR C 3 -9.95 -22.37 31.13
CA TYR C 3 -9.35 -22.79 29.87
C TYR C 3 -8.74 -21.58 29.17
N THR C 4 -7.53 -21.75 28.65
CA THR C 4 -6.90 -20.72 27.84
C THR C 4 -6.98 -21.12 26.39
N PHE C 5 -7.56 -20.22 25.61
CA PHE C 5 -7.61 -20.36 24.16
C PHE C 5 -6.44 -19.57 23.59
N ARG C 6 -5.56 -20.23 22.85
CA ARG C 6 -4.33 -19.61 22.31
C ARG C 6 -4.25 -19.79 20.81
N CYS C 7 -4.20 -18.68 20.07
CA CYS C 7 -3.85 -18.68 18.65
C CYS C 7 -2.39 -18.34 18.53
N LEU C 8 -1.62 -19.26 17.96
CA LEU C 8 -0.17 -19.12 17.92
C LEU C 8 0.29 -19.02 16.48
N GLN C 9 0.89 -17.87 16.12
CA GLN C 9 1.39 -17.61 14.78
C GLN C 9 2.91 -17.51 14.82
N MET C 10 3.56 -18.10 13.82
CA MET C 10 5.00 -18.13 13.67
C MET C 10 5.27 -17.72 12.25
N SER C 11 6.01 -16.65 12.10
CA SER C 11 6.30 -16.10 10.79
C SER C 11 7.81 -15.97 10.70
N SER C 12 8.36 -16.50 9.61
CA SER C 12 9.78 -16.43 9.29
C SER C 12 9.95 -15.65 7.99
N PHE C 13 10.77 -14.60 8.04
CA PHE C 13 11.16 -13.83 6.87
C PHE C 13 12.67 -14.04 6.65
N ALA C 14 13.04 -14.77 5.59
CA ALA C 14 14.45 -15.12 5.34
C ALA C 14 15.21 -13.94 4.71
N ASN C 15 14.55 -13.25 3.81
CA ASN C 15 15.13 -12.11 3.09
C ASN C 15 13.98 -11.27 2.51
N ARG C 16 14.29 -10.26 1.70
CA ARG C 16 13.27 -9.37 1.12
C ARG C 16 12.13 -10.09 0.37
N SER C 17 12.38 -11.27 -0.18
CA SER C 17 11.42 -11.96 -1.04
C SER C 17 10.77 -13.26 -0.49
N TRP C 18 11.39 -13.92 0.50
CA TRP C 18 10.92 -15.24 0.99
C TRP C 18 10.34 -15.13 2.40
N SER C 19 9.13 -15.63 2.58
CA SER C 19 8.58 -15.73 3.94
C SER C 19 7.47 -16.78 4.02
N ARG C 20 7.18 -17.21 5.24
CA ARG C 20 6.02 -18.03 5.48
C ARG C 20 5.44 -17.75 6.88
N THR C 21 4.14 -17.99 6.99
CA THR C 21 3.39 -17.79 8.20
C THR C 21 2.54 -19.03 8.38
N ASP C 22 2.66 -19.63 9.56
CA ASP C 22 1.95 -20.83 9.94
C ASP C 22 1.34 -20.57 11.32
N SER C 23 0.12 -21.07 11.53
CA SER C 23 -0.54 -20.95 12.83
C SER C 23 -1.13 -22.24 13.35
N VAL C 24 -1.18 -22.37 14.65
CA VAL C 24 -1.91 -23.46 15.31
C VAL C 24 -2.75 -22.84 16.43
N VAL C 25 -3.86 -23.47 16.76
CA VAL C 25 -4.80 -22.95 17.75
C VAL C 25 -5.03 -24.05 18.79
N TRP C 26 -5.01 -23.67 20.06
CA TRP C 26 -5.19 -24.58 21.20
C TRP C 26 -6.28 -24.08 22.14
N LEU C 27 -7.11 -25.01 22.60
CA LEU C 27 -8.03 -24.79 23.69
C LEU C 27 -7.56 -25.72 24.79
N GLY C 28 -7.00 -25.15 25.85
CA GLY C 28 -6.22 -25.93 26.84
C GLY C 28 -5.05 -26.57 26.12
N ASP C 29 -4.91 -27.88 26.28
CA ASP C 29 -3.87 -28.65 25.60
C ASP C 29 -4.40 -29.45 24.38
N LEU C 30 -5.61 -29.16 23.90
CA LEU C 30 -6.12 -29.78 22.68
C LEU C 30 -6.07 -28.82 21.47
N GLN C 31 -5.53 -29.32 20.35
CA GLN C 31 -5.44 -28.53 19.11
C GLN C 31 -6.79 -28.47 18.41
N THR C 32 -7.24 -27.26 18.11
CA THR C 32 -8.52 -27.04 17.46
C THR C 32 -8.40 -26.58 16.01
N HIS C 33 -7.32 -25.88 15.67
CA HIS C 33 -7.11 -25.41 14.29
C HIS C 33 -5.64 -25.50 13.89
N ARG C 34 -5.42 -25.52 12.59
CA ARG C 34 -4.11 -25.38 12.01
C ARG C 34 -4.34 -24.47 10.81
N TRP C 35 -3.38 -23.60 10.53
CA TRP C 35 -3.39 -22.83 9.29
C TRP C 35 -2.01 -22.81 8.68
N SER C 36 -1.79 -23.70 7.73
CA SER C 36 -0.50 -23.83 7.10
C SER C 36 -0.32 -22.67 6.10
N ASN C 37 0.91 -22.24 5.90
CA ASN C 37 1.22 -21.25 4.85
C ASN C 37 0.76 -21.70 3.44
N ASP C 38 0.77 -23.00 3.19
CA ASP C 38 0.41 -23.57 1.87
C ASP C 38 -1.10 -23.59 1.66
N SER C 39 -1.90 -23.36 2.71
CA SER C 39 -3.35 -23.42 2.64
C SER C 39 -4.01 -22.03 2.56
N ALA C 40 -4.97 -21.87 1.65
CA ALA C 40 -5.77 -20.64 1.54
C ALA C 40 -6.71 -20.47 2.73
N THR C 41 -7.08 -21.58 3.37
CA THR C 41 -8.10 -21.59 4.39
C THR C 41 -7.59 -22.19 5.70
N ILE C 42 -8.22 -21.80 6.80
CA ILE C 42 -7.94 -22.36 8.12
C ILE C 42 -8.55 -23.79 8.22
N SER C 43 -7.79 -24.75 8.73
CA SER C 43 -8.27 -26.14 8.88
C SER C 43 -8.76 -26.42 10.29
N PHE C 44 -9.93 -27.07 10.40
CA PHE C 44 -10.41 -27.58 11.67
C PHE C 44 -9.68 -28.86 12.00
N THR C 45 -9.24 -29.04 13.25
CA THR C 45 -8.61 -30.31 13.66
C THR C 45 -9.48 -31.07 14.68
N LYS C 46 -10.68 -30.58 14.92
CA LYS C 46 -11.71 -31.32 15.64
C LYS C 46 -13.01 -31.18 14.91
N PRO C 47 -13.95 -32.11 15.13
CA PRO C 47 -15.28 -31.92 14.54
C PRO C 47 -15.98 -30.64 15.01
N TRP C 48 -15.67 -30.20 16.23
CA TRP C 48 -16.33 -29.09 16.91
C TRP C 48 -15.59 -27.73 16.80
N SER C 49 -14.58 -27.64 15.95
CA SER C 49 -13.72 -26.45 15.84
C SER C 49 -14.39 -25.16 15.35
N GLN C 50 -15.56 -25.27 14.71
CA GLN C 50 -16.35 -24.09 14.34
C GLN C 50 -17.14 -23.53 15.54
N GLY C 51 -17.17 -24.27 16.64
CA GLY C 51 -17.86 -23.81 17.83
C GLY C 51 -19.34 -23.69 17.56
N LYS C 52 -19.94 -22.60 18.01
CA LYS C 52 -21.34 -22.31 17.77
C LYS C 52 -21.55 -21.27 16.67
N LEU C 53 -20.49 -20.94 15.93
CA LEU C 53 -20.62 -19.99 14.81
C LEU C 53 -21.35 -20.61 13.63
N SER C 54 -22.24 -19.86 13.00
CA SER C 54 -22.85 -20.27 11.76
C SER C 54 -21.80 -20.29 10.67
N ASN C 55 -22.13 -20.93 9.56
CA ASN C 55 -21.22 -20.94 8.42
C ASN C 55 -20.92 -19.54 7.93
N GLN C 56 -21.93 -18.68 7.89
CA GLN C 56 -21.72 -17.28 7.50
C GLN C 56 -20.78 -16.52 8.45
N GLN C 57 -20.97 -16.69 9.75
CA GLN C 57 -20.10 -16.04 10.73
C GLN C 57 -18.66 -16.57 10.63
N TRP C 58 -18.51 -17.87 10.41
CA TRP C 58 -17.19 -18.47 10.24
C TRP C 58 -16.51 -18.00 8.95
N GLU C 59 -17.27 -17.99 7.83
CA GLU C 59 -16.73 -17.51 6.55
C GLU C 59 -16.20 -16.09 6.64
N LYS C 60 -16.97 -15.24 7.32
CA LYS C 60 -16.62 -13.84 7.52
C LYS C 60 -15.33 -13.68 8.33
N LEU C 61 -15.22 -14.49 9.38
CA LEU C 61 -14.05 -14.49 10.26
C LEU C 61 -12.81 -14.96 9.51
N GLN C 62 -12.96 -16.07 8.80
CA GLN C 62 -11.90 -16.59 7.97
C GLN C 62 -11.46 -15.58 6.93
N HIS C 63 -12.41 -14.89 6.30
CA HIS C 63 -12.05 -13.90 5.27
C HIS C 63 -11.18 -12.78 5.86
N MET C 64 -11.56 -12.31 7.04
CA MET C 64 -10.80 -11.33 7.78
C MET C 64 -9.36 -11.83 8.03
N PHE C 65 -9.21 -13.05 8.48
CA PHE C 65 -7.88 -13.65 8.64
C PHE C 65 -7.11 -13.80 7.32
N GLN C 66 -7.78 -14.18 6.25
CA GLN C 66 -7.13 -14.30 4.94
C GLN C 66 -6.54 -12.95 4.49
N VAL C 67 -7.32 -11.88 4.64
CA VAL C 67 -6.82 -10.52 4.36
C VAL C 67 -5.65 -10.16 5.30
N TYR C 68 -5.79 -10.50 6.58
CA TYR C 68 -4.75 -10.24 7.57
C TYR C 68 -3.42 -10.87 7.21
N ARG C 69 -3.44 -12.13 6.83
CA ARG C 69 -2.20 -12.85 6.61
C ARG C 69 -1.37 -12.21 5.48
N VAL C 70 -2.03 -11.90 4.38
CA VAL C 70 -1.38 -11.22 3.24
C VAL C 70 -0.90 -9.82 3.64
N SER C 71 -1.75 -9.09 4.37
CA SER C 71 -1.45 -7.72 4.75
C SER C 71 -0.32 -7.65 5.76
N PHE C 72 -0.37 -8.53 6.76
CA PHE C 72 0.71 -8.67 7.75
C PHE C 72 2.07 -8.89 7.06
N THR C 73 2.09 -9.75 6.05
CA THR C 73 3.33 -10.11 5.35
C THR C 73 3.94 -8.88 4.67
N ARG C 74 3.13 -8.11 3.96
CA ARG C 74 3.63 -6.89 3.33
C ARG C 74 4.04 -5.84 4.36
N ASP C 75 3.24 -5.69 5.42
CA ASP C 75 3.56 -4.73 6.48
C ASP C 75 4.93 -4.97 7.14
N ILE C 76 5.23 -6.21 7.48
CA ILE C 76 6.55 -6.53 8.03
C ILE C 76 7.62 -6.17 7.02
N GLN C 77 7.44 -6.54 5.75
CA GLN C 77 8.44 -6.23 4.73
C GLN C 77 8.65 -4.71 4.60
N GLU C 78 7.57 -3.93 4.68
CA GLU C 78 7.69 -2.48 4.60
C GLU C 78 8.32 -1.91 5.87
N LEU C 79 7.97 -2.45 7.04
CA LEU C 79 8.57 -2.01 8.30
C LEU C 79 10.10 -2.25 8.32
N VAL C 80 10.54 -3.35 7.74
CA VAL C 80 11.96 -3.65 7.60
C VAL C 80 12.65 -2.55 6.77
N LYS C 81 12.06 -2.21 5.63
CA LYS C 81 12.57 -1.11 4.79
C LYS C 81 12.60 0.20 5.58
N MET C 82 11.54 0.47 6.33
CA MET C 82 11.44 1.69 7.12
C MET C 82 12.54 1.84 8.17
N MET C 83 12.85 0.75 8.87
CA MET C 83 13.88 0.81 9.93
C MET C 83 15.28 0.50 9.41
N SER C 84 15.44 0.23 8.11
CA SER C 84 16.76 -0.09 7.53
C SER C 84 17.77 1.08 7.74
N PRO C 85 19.05 0.81 8.04
CA PRO C 85 19.65 -0.55 8.16
C PRO C 85 19.71 -1.14 9.57
N LYS C 86 18.98 -0.54 10.52
CA LYS C 86 18.89 -0.97 11.93
C LYS C 86 18.61 -2.46 12.09
N GLU C 87 17.56 -2.93 11.41
CA GLU C 87 17.20 -4.34 11.44
C GLU C 87 17.23 -4.88 10.05
N ASP C 88 17.55 -6.15 9.96
CA ASP C 88 17.70 -6.82 8.69
C ASP C 88 17.25 -8.27 8.87
N TYR C 89 17.00 -8.91 7.74
CA TYR C 89 16.63 -10.31 7.67
C TYR C 89 17.84 -11.15 8.08
N PRO C 90 17.67 -12.38 8.59
CA PRO C 90 16.37 -13.03 8.83
C PRO C 90 15.59 -12.46 10.01
N ILE C 91 14.26 -12.55 9.94
CA ILE C 91 13.39 -12.06 11.00
C ILE C 91 12.39 -13.16 11.39
N GLU C 92 12.24 -13.37 12.69
CA GLU C 92 11.25 -14.27 13.25
C GLU C 92 10.29 -13.46 14.09
N ILE C 93 9.01 -13.63 13.79
CA ILE C 93 7.96 -12.96 14.53
C ILE C 93 7.00 -14.04 15.00
N GLN C 94 6.62 -13.99 16.29
CA GLN C 94 5.60 -14.88 16.84
C GLN C 94 4.51 -14.05 17.46
N LEU C 95 3.25 -14.46 17.27
CA LEU C 95 2.12 -13.85 17.97
C LEU C 95 1.44 -14.91 18.79
N SER C 96 1.04 -14.51 19.99
CA SER C 96 0.21 -15.34 20.85
C SER C 96 -0.99 -14.48 21.22
N ALA C 97 -2.16 -14.88 20.74
CA ALA C 97 -3.39 -14.11 20.92
C ALA C 97 -4.53 -15.04 21.34
N GLY C 98 -5.42 -14.54 22.17
CA GLY C 98 -6.49 -15.36 22.65
C GLY C 98 -7.13 -14.79 23.87
N CYS C 99 -7.77 -15.66 24.64
CA CYS C 99 -8.45 -15.27 25.85
C CYS C 99 -8.45 -16.44 26.84
N GLU C 100 -8.35 -16.10 28.14
CA GLU C 100 -8.50 -17.08 29.21
C GLU C 100 -9.91 -16.93 29.76
N MET C 101 -10.59 -18.06 29.93
CA MET C 101 -12.02 -18.08 30.29
C MET C 101 -12.16 -18.49 31.74
N TYR C 102 -12.85 -17.66 32.52
CA TYR C 102 -13.06 -17.85 33.97
C TYR C 102 -14.53 -18.15 34.23
N PRO C 103 -14.88 -18.55 35.47
CA PRO C 103 -16.30 -18.79 35.78
C PRO C 103 -17.20 -17.57 35.55
N GLY C 104 -18.44 -17.85 35.23
CA GLY C 104 -19.43 -16.82 34.90
C GLY C 104 -19.25 -16.39 33.46
N ASN C 105 -19.32 -15.09 33.23
CA ASN C 105 -19.03 -14.48 31.94
C ASN C 105 -17.69 -13.74 31.98
N ALA C 106 -16.77 -14.16 32.87
CA ALA C 106 -15.50 -13.47 33.07
C ALA C 106 -14.44 -14.04 32.10
N SER C 107 -13.67 -13.14 31.51
CA SER C 107 -12.53 -13.53 30.69
C SER C 107 -11.54 -12.38 30.56
N GLU C 108 -10.31 -12.71 30.17
CA GLU C 108 -9.28 -11.72 29.85
C GLU C 108 -8.63 -12.09 28.52
N SER C 109 -8.54 -11.14 27.61
CA SER C 109 -7.93 -11.39 26.30
C SER C 109 -6.50 -10.87 26.25
N PHE C 110 -5.72 -11.37 25.29
CA PHE C 110 -4.31 -10.94 25.15
C PHE C 110 -3.88 -11.04 23.70
N LEU C 111 -2.89 -10.24 23.36
CA LEU C 111 -2.26 -10.31 22.05
C LEU C 111 -0.81 -9.88 22.26
N HIS C 112 0.09 -10.86 22.29
CA HIS C 112 1.49 -10.63 22.60
C HIS C 112 2.32 -10.95 21.37
N VAL C 113 3.35 -10.16 21.14
CA VAL C 113 4.19 -10.29 19.95
C VAL C 113 5.67 -10.42 20.33
N ALA C 114 6.35 -11.41 19.76
CA ALA C 114 7.77 -11.58 19.95
C ALA C 114 8.52 -11.41 18.66
N PHE C 115 9.72 -10.85 18.80
CA PHE C 115 10.59 -10.50 17.69
C PHE C 115 11.94 -11.17 17.99
N GLN C 116 12.38 -12.04 17.09
CA GLN C 116 13.60 -12.82 17.29
C GLN C 116 13.57 -13.55 18.64
N GLY C 117 12.40 -14.07 19.01
CA GLY C 117 12.24 -14.84 20.22
C GLY C 117 12.05 -14.09 21.52
N LYS C 118 11.89 -12.77 21.48
CA LYS C 118 11.74 -11.98 22.67
C LYS C 118 10.44 -11.18 22.63
N TYR C 119 9.65 -11.26 23.69
CA TYR C 119 8.38 -10.52 23.81
C TYR C 119 8.67 -9.03 23.84
N VAL C 120 8.20 -8.30 22.83
CA VAL C 120 8.44 -6.85 22.71
C VAL C 120 7.21 -5.94 22.63
N VAL C 121 6.09 -6.48 22.13
CA VAL C 121 4.92 -5.68 21.80
C VAL C 121 3.62 -6.41 22.25
N ARG C 122 2.65 -5.64 22.72
CA ARG C 122 1.33 -6.18 22.93
C ARG C 122 0.32 -5.19 22.44
N PHE C 123 -0.90 -5.68 22.24
CA PHE C 123 -2.04 -4.79 22.06
C PHE C 123 -2.67 -4.66 23.44
N TRP C 124 -2.98 -3.44 23.85
CA TRP C 124 -3.52 -3.19 25.18
C TRP C 124 -4.50 -2.05 25.09
N GLY C 125 -5.74 -2.31 25.48
CA GLY C 125 -6.75 -1.28 25.50
C GLY C 125 -7.22 -0.93 24.11
N THR C 126 -6.64 0.12 23.54
CA THR C 126 -7.02 0.61 22.22
C THR C 126 -5.84 0.79 21.28
N SER C 127 -4.64 0.32 21.67
CA SER C 127 -3.47 0.53 20.85
C SER C 127 -2.36 -0.48 21.10
N TRP C 128 -1.41 -0.48 20.18
CA TRP C 128 -0.18 -1.23 20.31
C TRP C 128 0.74 -0.49 21.27
N GLN C 129 1.46 -1.23 22.10
CA GLN C 129 2.53 -0.65 22.90
C GLN C 129 3.71 -1.60 22.99
N THR C 130 4.88 -1.04 23.22
CA THR C 130 6.02 -1.86 23.61
C THR C 130 5.92 -2.18 25.10
N VAL C 131 6.59 -3.24 25.50
CA VAL C 131 6.63 -3.66 26.89
C VAL C 131 8.00 -3.34 27.48
N PRO C 132 8.13 -3.40 28.82
CA PRO C 132 9.43 -3.14 29.44
C PRO C 132 10.56 -3.99 28.89
N GLY C 133 11.68 -3.35 28.60
CA GLY C 133 12.84 -4.02 28.06
C GLY C 133 12.96 -4.04 26.54
N ALA C 134 11.94 -3.54 25.84
CA ALA C 134 11.95 -3.56 24.38
C ALA C 134 12.85 -2.46 23.86
N PRO C 135 13.49 -2.67 22.70
CA PRO C 135 14.35 -1.60 22.19
C PRO C 135 13.59 -0.37 21.71
N SER C 136 14.24 0.78 21.84
CA SER C 136 13.67 2.07 21.48
C SER C 136 13.26 2.23 20.00
N TRP C 137 14.00 1.60 19.08
CA TRP C 137 13.71 1.75 17.65
C TRP C 137 12.28 1.31 17.29
N LEU C 138 11.69 0.42 18.11
CA LEU C 138 10.29 0.02 17.95
C LEU C 138 9.25 1.13 18.09
N ASP C 139 9.59 2.26 18.72
CA ASP C 139 8.66 3.37 18.81
C ASP C 139 8.17 3.86 17.42
N LEU C 140 8.99 3.75 16.37
CA LEU C 140 8.53 4.16 15.03
C LEU C 140 7.51 3.16 14.47
N PRO C 141 7.85 1.86 14.39
CA PRO C 141 6.80 0.89 14.05
C PRO C 141 5.51 1.02 14.84
N ILE C 142 5.59 1.25 16.14
CA ILE C 142 4.39 1.41 16.98
C ILE C 142 3.56 2.62 16.55
N LYS C 143 4.24 3.74 16.29
CA LYS C 143 3.58 4.96 15.80
C LYS C 143 2.84 4.68 14.47
N VAL C 144 3.51 3.98 13.58
CA VAL C 144 2.92 3.63 12.28
C VAL C 144 1.73 2.67 12.43
N LEU C 145 1.90 1.64 13.24
CA LEU C 145 0.81 0.71 13.52
C LEU C 145 -0.37 1.41 14.16
N ASN C 146 -0.10 2.33 15.08
CA ASN C 146 -1.19 3.04 15.80
C ASN C 146 -1.84 4.13 14.97
N ALA C 147 -1.28 4.46 13.81
CA ALA C 147 -1.95 5.37 12.88
C ALA C 147 -3.16 4.69 12.22
N ASP C 148 -3.14 3.36 12.14
CA ASP C 148 -4.19 2.58 11.47
C ASP C 148 -5.42 2.37 12.37
N GLN C 149 -6.36 3.30 12.27
CA GLN C 149 -7.56 3.27 13.13
C GLN C 149 -8.46 2.07 12.82
N GLY C 150 -8.59 1.71 11.54
CA GLY C 150 -9.43 0.58 11.13
C GLY C 150 -8.95 -0.73 11.74
N THR C 151 -7.65 -0.98 11.71
CA THR C 151 -7.07 -2.16 12.37
C THR C 151 -7.29 -2.12 13.89
N SER C 152 -7.09 -0.96 14.52
CA SER C 152 -7.32 -0.84 15.96
C SER C 152 -8.76 -1.24 16.33
N ALA C 153 -9.74 -0.72 15.61
CA ALA C 153 -11.16 -1.07 15.88
C ALA C 153 -11.43 -2.56 15.70
N THR C 154 -10.87 -3.16 14.66
CA THR C 154 -11.05 -4.60 14.42
C THR C 154 -10.41 -5.41 15.52
N VAL C 155 -9.16 -5.08 15.91
CA VAL C 155 -8.49 -5.85 16.94
C VAL C 155 -9.23 -5.73 18.29
N GLN C 156 -9.67 -4.51 18.63
CA GLN C 156 -10.49 -4.31 19.84
C GLN C 156 -11.71 -5.25 19.88
N MET C 157 -12.42 -5.34 18.75
CA MET C 157 -13.58 -6.20 18.62
C MET C 157 -13.20 -7.68 18.79
N LEU C 158 -12.12 -8.10 18.14
CA LEU C 158 -11.65 -9.49 18.24
C LEU C 158 -11.30 -9.87 19.68
N LEU C 159 -10.56 -9.01 20.35
CA LEU C 159 -10.16 -9.29 21.71
C LEU C 159 -11.32 -9.15 22.70
N ASN C 160 -12.08 -8.08 22.61
CA ASN C 160 -13.08 -7.79 23.66
C ASN C 160 -14.32 -8.66 23.53
N ASP C 161 -14.74 -8.94 22.30
CA ASP C 161 -16.03 -9.54 22.02
C ASP C 161 -15.92 -10.88 21.31
N THR C 162 -15.26 -10.92 20.15
CA THR C 162 -15.23 -12.14 19.35
C THR C 162 -14.60 -13.31 20.10
N CYS C 163 -13.45 -13.09 20.77
CA CYS C 163 -12.72 -14.20 21.41
C CYS C 163 -13.56 -14.85 22.49
N PRO C 164 -14.04 -14.07 23.48
CA PRO C 164 -14.80 -14.76 24.52
C PRO C 164 -16.08 -15.43 24.03
N LEU C 165 -16.80 -14.79 23.11
CA LEU C 165 -18.02 -15.38 22.56
C LEU C 165 -17.72 -16.68 21.82
N PHE C 166 -16.72 -16.66 20.95
CA PHE C 166 -16.34 -17.84 20.20
C PHE C 166 -15.93 -18.98 21.13
N VAL C 167 -15.11 -18.66 22.13
CA VAL C 167 -14.58 -19.69 23.03
C VAL C 167 -15.67 -20.32 23.93
N ARG C 168 -16.64 -19.52 24.36
CA ARG C 168 -17.79 -20.05 25.10
C ARG C 168 -18.48 -21.13 24.30
N GLY C 169 -18.75 -20.86 23.02
CA GLY C 169 -19.29 -21.87 22.11
C GLY C 169 -18.39 -23.07 21.87
N LEU C 170 -17.09 -22.85 21.75
CA LEU C 170 -16.12 -23.96 21.60
C LEU C 170 -16.18 -24.90 22.79
N LEU C 171 -16.21 -24.33 24.00
CA LEU C 171 -16.29 -25.12 25.24
C LEU C 171 -17.54 -26.00 25.30
N GLU C 172 -18.68 -25.46 24.87
CA GLU C 172 -19.91 -26.27 24.77
C GLU C 172 -19.73 -27.37 23.74
N ALA C 173 -19.41 -26.98 22.52
CA ALA C 173 -19.33 -27.93 21.40
C ALA C 173 -18.30 -29.03 21.65
N GLY C 174 -17.19 -28.69 22.30
CA GLY C 174 -16.10 -29.64 22.52
C GLY C 174 -16.12 -30.31 23.87
N LYS C 175 -17.21 -30.15 24.63
CA LYS C 175 -17.28 -30.63 26.02
C LYS C 175 -16.83 -32.08 26.20
N SER C 176 -17.29 -32.97 25.32
CA SER C 176 -17.01 -34.39 25.50
C SER C 176 -15.53 -34.73 25.27
N ASP C 177 -14.87 -34.07 24.33
CA ASP C 177 -13.41 -34.24 24.19
C ASP C 177 -12.66 -33.59 25.35
N LEU C 178 -13.07 -32.39 25.76
CA LEU C 178 -12.38 -31.67 26.83
C LEU C 178 -12.45 -32.43 28.16
N GLU C 179 -13.56 -33.12 28.39
CA GLU C 179 -13.79 -33.89 29.60
C GLU C 179 -13.40 -35.37 29.50
N LYS C 180 -12.76 -35.77 28.40
CA LYS C 180 -12.37 -37.17 28.24
C LYS C 180 -11.45 -37.63 29.37
N GLN C 181 -11.60 -38.91 29.71
CA GLN C 181 -10.71 -39.57 30.67
C GLN C 181 -10.04 -40.74 29.93
N GLU C 182 -8.71 -40.77 29.93
CA GLU C 182 -7.93 -41.85 29.32
C GLU C 182 -6.98 -42.36 30.38
N LYS C 183 -6.83 -43.68 30.48
CA LYS C 183 -6.10 -44.28 31.57
C LYS C 183 -4.60 -44.37 31.33
N PRO C 184 -3.80 -44.05 32.37
CA PRO C 184 -2.38 -44.33 32.28
C PRO C 184 -2.12 -45.85 32.25
N VAL C 185 -1.04 -46.24 31.59
CA VAL C 185 -0.47 -47.59 31.70
C VAL C 185 0.95 -47.35 32.13
N ALA C 186 1.45 -48.17 33.06
CA ALA C 186 2.78 -47.95 33.61
C ALA C 186 3.67 -49.14 33.34
N TRP C 187 4.98 -48.90 33.32
CA TRP C 187 5.96 -49.99 33.25
C TRP C 187 7.31 -49.55 33.81
N LEU C 188 8.10 -50.53 34.27
CA LEU C 188 9.33 -50.25 35.02
C LEU C 188 10.56 -50.67 34.25
N SER C 189 11.66 -49.99 34.54
CA SER C 189 12.96 -50.31 33.96
C SER C 189 14.09 -49.69 34.79
N SER C 190 15.34 -49.98 34.42
CA SER C 190 16.50 -49.56 35.21
C SER C 190 17.73 -49.33 34.35
N VAL C 191 18.54 -48.33 34.75
CA VAL C 191 19.78 -47.98 34.04
C VAL C 191 20.91 -47.76 35.07
N PRO C 192 22.18 -47.75 34.62
CA PRO C 192 23.26 -47.39 35.54
C PRO C 192 23.30 -45.89 35.79
N SER C 193 23.55 -45.49 37.05
CA SER C 193 23.53 -44.09 37.45
C SER C 193 24.81 -43.34 37.08
N SER C 194 24.82 -42.03 37.31
CA SER C 194 26.02 -41.20 37.14
C SER C 194 27.22 -41.72 37.97
N ALA C 195 26.94 -42.28 39.15
CA ALA C 195 27.96 -42.87 40.02
C ALA C 195 27.92 -44.41 39.97
N HIS C 196 29.10 -45.03 39.96
CA HIS C 196 29.23 -46.49 40.01
C HIS C 196 28.86 -47.01 41.40
N GLY C 197 28.08 -48.11 41.44
CA GLY C 197 27.47 -48.62 42.67
C GLY C 197 25.96 -48.39 42.67
N HIS C 198 25.53 -47.23 42.17
CA HIS C 198 24.12 -46.86 42.07
C HIS C 198 23.45 -47.39 40.80
N ARG C 199 22.12 -47.53 40.86
CA ARG C 199 21.26 -47.70 39.68
C ARG C 199 20.12 -46.68 39.72
N GLN C 200 19.60 -46.35 38.55
CA GLN C 200 18.46 -45.45 38.43
C GLN C 200 17.25 -46.24 37.92
N LEU C 201 16.24 -46.39 38.76
CA LEU C 201 14.96 -47.02 38.38
C LEU C 201 14.11 -45.99 37.64
N VAL C 202 13.28 -46.46 36.71
CA VAL C 202 12.39 -45.59 35.94
C VAL C 202 11.00 -46.17 35.96
N CYS C 203 10.03 -45.36 36.37
CA CYS C 203 8.63 -45.70 36.25
C CYS C 203 8.00 -44.89 35.10
N HIS C 204 7.68 -45.59 34.01
CA HIS C 204 7.10 -44.99 32.81
C HIS C 204 5.59 -44.96 32.94
N VAL C 205 4.95 -43.84 32.64
CA VAL C 205 3.48 -43.76 32.72
C VAL C 205 2.99 -43.10 31.45
N SER C 206 2.11 -43.78 30.72
CA SER C 206 1.75 -43.32 29.39
C SER C 206 0.31 -43.56 29.02
N GLY C 207 -0.23 -42.62 28.26
CA GLY C 207 -1.58 -42.69 27.73
C GLY C 207 -2.67 -42.01 28.53
N PHE C 208 -2.29 -41.21 29.54
CA PHE C 208 -3.27 -40.57 30.44
C PHE C 208 -3.77 -39.22 29.92
N TYR C 209 -5.05 -38.96 30.15
CA TYR C 209 -5.67 -37.66 29.93
C TYR C 209 -6.82 -37.49 30.94
N PRO C 210 -6.99 -36.31 31.56
CA PRO C 210 -6.18 -35.10 31.37
C PRO C 210 -4.86 -35.13 32.11
N LYS C 211 -4.12 -34.03 32.01
CA LYS C 211 -2.75 -33.93 32.47
C LYS C 211 -2.48 -34.22 33.96
N PRO C 212 -3.35 -33.75 34.87
CA PRO C 212 -2.96 -33.93 36.29
C PRO C 212 -2.82 -35.41 36.71
N VAL C 213 -1.69 -35.74 37.33
CA VAL C 213 -1.36 -37.12 37.70
C VAL C 213 -0.37 -37.11 38.88
N TRP C 214 -0.39 -38.19 39.67
CA TRP C 214 0.52 -38.35 40.80
C TRP C 214 1.31 -39.66 40.62
N VAL C 215 2.63 -39.58 40.67
CA VAL C 215 3.50 -40.75 40.52
C VAL C 215 4.58 -40.70 41.57
N MET C 216 4.69 -41.76 42.37
CA MET C 216 5.70 -41.84 43.42
C MET C 216 6.30 -43.23 43.55
N TRP C 217 7.62 -43.29 43.65
CA TRP C 217 8.30 -44.51 44.06
C TRP C 217 8.04 -44.69 45.54
N MET C 218 7.79 -45.94 45.93
CA MET C 218 7.35 -46.27 47.27
C MET C 218 7.94 -47.58 47.79
N ARG C 219 8.26 -47.60 49.08
CA ARG C 219 8.64 -48.82 49.80
C ARG C 219 7.50 -49.13 50.78
N GLY C 220 6.59 -50.00 50.36
CA GLY C 220 5.36 -50.28 51.09
C GLY C 220 4.49 -49.04 51.15
N ASP C 221 4.50 -48.37 52.30
CA ASP C 221 3.74 -47.13 52.55
C ASP C 221 4.60 -45.88 52.63
N GLN C 222 5.91 -46.02 52.54
CA GLN C 222 6.82 -44.90 52.66
C GLN C 222 7.17 -44.30 51.29
N GLU C 223 6.71 -43.07 51.06
CA GLU C 223 7.04 -42.32 49.86
C GLU C 223 8.55 -42.02 49.80
N GLN C 224 9.19 -42.45 48.72
CA GLN C 224 10.62 -42.19 48.54
C GLN C 224 10.83 -40.75 48.09
N GLN C 225 11.30 -39.92 49.01
CA GLN C 225 11.54 -38.51 48.78
C GLN C 225 12.45 -38.22 47.57
N GLY C 226 13.34 -39.16 47.22
CA GLY C 226 14.23 -39.03 46.06
C GLY C 226 13.60 -39.10 44.67
N THR C 227 12.35 -39.56 44.58
CA THR C 227 11.58 -39.56 43.32
C THR C 227 11.73 -38.23 42.56
N HIS C 228 12.13 -38.32 41.29
CA HIS C 228 12.25 -37.16 40.42
C HIS C 228 11.35 -37.35 39.22
N ARG C 229 10.27 -36.57 39.15
CA ARG C 229 9.37 -36.52 37.99
C ARG C 229 10.05 -35.77 36.85
N GLY C 230 9.96 -36.32 35.64
CA GLY C 230 10.39 -35.60 34.45
C GLY C 230 9.28 -34.68 33.97
N ASP C 231 9.45 -34.16 32.77
CA ASP C 231 8.45 -33.30 32.14
C ASP C 231 7.32 -34.13 31.57
N PHE C 232 6.16 -33.51 31.45
CA PHE C 232 5.05 -34.08 30.69
C PHE C 232 5.43 -34.05 29.21
N LEU C 233 5.42 -35.22 28.56
CA LEU C 233 5.75 -35.33 27.13
C LEU C 233 4.52 -35.80 26.39
N PRO C 234 4.22 -35.20 25.21
CA PRO C 234 3.01 -35.59 24.49
C PRO C 234 3.15 -36.91 23.75
N ASN C 235 2.06 -37.67 23.72
CA ASN C 235 1.89 -38.75 22.77
C ASN C 235 1.19 -38.17 21.55
N ALA C 236 1.28 -38.87 20.42
CA ALA C 236 0.68 -38.41 19.16
C ALA C 236 -0.84 -38.43 19.17
N ASP C 237 -1.46 -39.18 20.10
CA ASP C 237 -2.92 -39.32 20.17
C ASP C 237 -3.58 -38.41 21.22
N GLU C 238 -2.94 -37.28 21.55
CA GLU C 238 -3.48 -36.33 22.52
C GLU C 238 -3.72 -36.98 23.91
N THR C 239 -2.76 -37.82 24.30
CA THR C 239 -2.60 -38.27 25.67
C THR C 239 -1.20 -37.88 26.09
N TRP C 240 -0.90 -38.07 27.36
CA TRP C 240 0.36 -37.65 27.93
C TRP C 240 1.25 -38.82 28.36
N TYR C 241 2.55 -38.52 28.43
CA TYR C 241 3.57 -39.42 28.92
C TYR C 241 4.36 -38.72 30.01
N LEU C 242 4.63 -39.43 31.10
CA LEU C 242 5.49 -38.93 32.18
C LEU C 242 6.31 -40.07 32.76
N GLN C 243 7.55 -39.80 33.14
CA GLN C 243 8.36 -40.76 33.90
C GLN C 243 8.91 -40.20 35.21
N ALA C 244 8.97 -41.08 36.22
CA ALA C 244 9.46 -40.73 37.55
C ALA C 244 10.64 -41.63 37.87
N THR C 245 11.82 -41.05 38.04
CA THR C 245 13.04 -41.81 38.29
C THR C 245 13.39 -41.83 39.78
N LEU C 246 14.21 -42.82 40.17
CA LEU C 246 14.70 -42.94 41.55
C LEU C 246 16.07 -43.58 41.57
N ASP C 247 17.05 -42.83 42.07
CA ASP C 247 18.42 -43.33 42.16
C ASP C 247 18.52 -44.16 43.44
N VAL C 248 18.95 -45.42 43.31
CA VAL C 248 19.07 -46.34 44.46
C VAL C 248 20.36 -47.16 44.39
N GLU C 249 20.67 -47.85 45.49
CA GLU C 249 21.77 -48.81 45.50
C GLU C 249 21.37 -50.11 44.86
N ALA C 250 22.23 -50.60 43.96
CA ALA C 250 22.10 -51.94 43.39
C ALA C 250 21.96 -52.93 44.54
N GLY C 251 20.91 -53.75 44.50
CA GLY C 251 20.54 -54.63 45.62
C GLY C 251 19.27 -54.20 46.32
N GLU C 252 19.06 -52.88 46.44
CA GLU C 252 17.87 -52.34 47.14
C GLU C 252 16.59 -52.30 46.30
N GLU C 253 16.64 -52.75 45.04
CA GLU C 253 15.49 -52.68 44.15
C GLU C 253 14.28 -53.44 44.68
N ALA C 254 14.53 -54.61 45.28
CA ALA C 254 13.45 -55.45 45.83
C ALA C 254 12.71 -54.70 46.92
N GLY C 255 11.39 -54.84 46.95
CA GLY C 255 10.54 -54.09 47.87
C GLY C 255 10.02 -52.74 47.37
N LEU C 256 10.70 -52.13 46.40
CA LEU C 256 10.23 -50.86 45.82
C LEU C 256 9.05 -51.08 44.87
N ALA C 257 8.13 -50.13 44.86
CA ALA C 257 6.99 -50.14 43.94
C ALA C 257 6.72 -48.73 43.37
N CYS C 258 6.16 -48.67 42.16
CA CYS C 258 5.73 -47.41 41.57
C CYS C 258 4.21 -47.33 41.64
N ARG C 259 3.70 -46.26 42.23
CA ARG C 259 2.28 -46.05 42.42
C ARG C 259 1.81 -44.85 41.61
N VAL C 260 0.71 -45.02 40.89
CA VAL C 260 0.17 -43.97 40.02
C VAL C 260 -1.26 -43.69 40.38
N LYS C 261 -1.55 -42.41 40.63
CA LYS C 261 -2.92 -41.96 40.86
C LYS C 261 -3.32 -41.07 39.71
N HIS C 262 -4.50 -41.33 39.18
CA HIS C 262 -5.06 -40.53 38.11
C HIS C 262 -6.58 -40.55 38.16
N SER C 263 -7.20 -39.43 37.78
CA SER C 263 -8.65 -39.26 37.76
C SER C 263 -9.42 -40.33 36.99
N SER C 264 -8.83 -40.85 35.91
CA SER C 264 -9.47 -41.89 35.08
C SER C 264 -9.57 -43.29 35.72
N LEU C 265 -8.80 -43.53 36.78
CA LEU C 265 -8.76 -44.85 37.42
C LEU C 265 -9.89 -45.06 38.47
N GLY C 266 -10.55 -43.97 38.90
CA GLY C 266 -11.63 -44.06 39.90
C GLY C 266 -11.12 -44.70 41.20
N GLY C 267 -10.03 -44.18 41.73
CA GLY C 267 -9.47 -44.67 42.99
C GLY C 267 -8.75 -46.01 42.96
N GLN C 268 -8.68 -46.66 41.80
CA GLN C 268 -7.96 -47.93 41.62
C GLN C 268 -6.57 -47.61 41.13
N ASP C 269 -5.72 -47.20 42.06
CA ASP C 269 -4.34 -46.84 41.76
C ASP C 269 -3.60 -47.96 41.04
N ILE C 270 -2.60 -47.59 40.25
CA ILE C 270 -1.69 -48.57 39.67
C ILE C 270 -0.55 -48.69 40.68
N ILE C 271 -0.21 -49.93 41.00
CA ILE C 271 0.90 -50.26 41.87
C ILE C 271 1.74 -51.31 41.14
N LEU C 272 2.97 -50.95 40.76
CA LEU C 272 3.88 -51.90 40.09
C LEU C 272 5.05 -52.18 41.00
N TYR C 273 5.21 -53.45 41.38
CA TYR C 273 6.31 -53.88 42.24
C TYR C 273 7.51 -54.27 41.38
N TRP C 274 8.71 -53.82 41.77
CA TRP C 274 9.93 -54.28 41.11
C TRP C 274 10.17 -55.76 41.41
N GLN D 1 19.55 -17.47 19.70
CA GLN D 1 19.66 -18.89 19.24
C GLN D 1 19.62 -19.89 20.40
N LYS D 2 18.80 -20.93 20.27
CA LYS D 2 18.55 -21.91 21.34
C LYS D 2 18.71 -23.36 20.81
N THR D 3 19.36 -24.21 21.61
CA THR D 3 19.75 -25.59 21.21
C THR D 3 18.65 -26.64 21.48
N PRO D 4 18.33 -27.50 20.48
CA PRO D 4 17.24 -28.45 20.69
C PRO D 4 17.51 -29.55 21.71
N GLN D 5 16.58 -29.70 22.66
CA GLN D 5 16.48 -30.91 23.51
C GLN D 5 15.70 -31.97 22.74
N ILE D 6 16.11 -33.22 22.90
CA ILE D 6 15.51 -34.34 22.17
C ILE D 6 15.18 -35.44 23.15
N GLN D 7 13.92 -35.89 23.17
CA GLN D 7 13.50 -36.97 24.05
C GLN D 7 12.83 -38.06 23.24
N VAL D 8 13.31 -39.29 23.41
CA VAL D 8 12.85 -40.43 22.61
C VAL D 8 12.21 -41.45 23.55
N TYR D 9 10.97 -41.85 23.22
CA TYR D 9 10.16 -42.69 24.12
C TYR D 9 9.07 -43.41 23.37
N SER D 10 8.66 -44.59 23.86
CA SER D 10 7.60 -45.37 23.23
C SER D 10 6.23 -45.00 23.78
N ARG D 11 5.21 -45.15 22.95
CA ARG D 11 3.82 -44.91 23.35
C ARG D 11 3.32 -45.96 24.35
N HIS D 12 3.71 -47.22 24.13
CA HIS D 12 3.25 -48.36 24.91
C HIS D 12 4.43 -49.07 25.54
N PRO D 13 4.20 -49.92 26.57
CA PRO D 13 5.31 -50.70 27.13
C PRO D 13 6.02 -51.48 26.02
N PRO D 14 7.34 -51.35 25.92
CA PRO D 14 8.01 -51.97 24.78
C PRO D 14 8.15 -53.47 24.97
N GLU D 15 7.73 -54.23 23.96
CA GLU D 15 7.83 -55.69 23.98
C GLU D 15 8.41 -56.19 22.65
N ASN D 16 9.46 -56.99 22.72
CA ASN D 16 10.15 -57.46 21.50
C ASN D 16 9.19 -58.18 20.59
N GLY D 17 9.19 -57.79 19.32
CA GLY D 17 8.29 -58.36 18.33
C GLY D 17 6.86 -57.80 18.29
N LYS D 18 6.51 -56.87 19.20
CA LYS D 18 5.15 -56.30 19.22
C LYS D 18 5.14 -54.90 18.59
N PRO D 19 4.20 -54.64 17.65
CA PRO D 19 4.09 -53.28 17.09
C PRO D 19 3.76 -52.20 18.12
N ASN D 20 4.33 -51.02 17.93
CA ASN D 20 4.34 -49.95 18.94
C ASN D 20 4.53 -48.62 18.18
N ILE D 21 4.58 -47.50 18.90
CA ILE D 21 4.85 -46.20 18.29
C ILE D 21 6.04 -45.62 19.02
N LEU D 22 6.99 -45.11 18.26
CA LEU D 22 8.17 -44.45 18.82
C LEU D 22 8.00 -42.93 18.61
N ASN D 23 8.23 -42.17 19.67
CA ASN D 23 8.06 -40.71 19.68
C ASN D 23 9.41 -40.06 19.80
N CYS D 24 9.60 -38.96 19.08
CA CYS D 24 10.74 -38.11 19.25
C CYS D 24 10.24 -36.67 19.45
N TYR D 25 10.42 -36.14 20.65
CA TYR D 25 9.91 -34.84 21.04
C TYR D 25 11.10 -33.90 21.12
N VAL D 26 11.09 -32.88 20.25
CA VAL D 26 12.16 -31.92 20.10
C VAL D 26 11.65 -30.58 20.61
N THR D 27 12.38 -29.99 21.57
CA THR D 27 11.94 -28.78 22.27
C THR D 27 13.08 -27.78 22.43
N GLN D 28 12.71 -26.59 22.89
CA GLN D 28 13.64 -25.55 23.34
C GLN D 28 14.52 -24.96 22.24
N PHE D 29 14.06 -24.98 20.99
CA PHE D 29 14.90 -24.54 19.88
C PHE D 29 14.40 -23.22 19.27
N HIS D 30 15.34 -22.47 18.69
CA HIS D 30 15.04 -21.19 18.03
C HIS D 30 16.25 -20.87 17.16
N PRO D 31 16.12 -20.50 15.88
CA PRO D 31 14.87 -20.27 15.14
C PRO D 31 14.11 -21.56 14.79
N PRO D 32 12.87 -21.42 14.27
CA PRO D 32 12.04 -22.62 14.06
C PRO D 32 12.46 -23.57 12.94
N HIS D 33 13.38 -23.17 12.04
CA HIS D 33 13.81 -24.07 10.98
C HIS D 33 14.58 -25.23 11.60
N ILE D 34 14.14 -26.44 11.29
CA ILE D 34 14.75 -27.65 11.86
C ILE D 34 14.49 -28.83 10.92
N GLU D 35 15.38 -29.81 10.94
CA GLU D 35 15.21 -31.05 10.20
C GLU D 35 15.31 -32.20 11.19
N ILE D 36 14.28 -33.04 11.23
CA ILE D 36 14.20 -34.15 12.19
C ILE D 36 14.04 -35.44 11.40
N GLN D 37 14.89 -36.42 11.73
CA GLN D 37 14.85 -37.74 11.12
C GLN D 37 14.75 -38.77 12.23
N MET D 38 13.94 -39.79 12.04
CA MET D 38 13.95 -40.96 12.92
C MET D 38 14.64 -42.11 12.18
N LEU D 39 15.54 -42.80 12.86
CA LEU D 39 16.41 -43.80 12.24
C LEU D 39 16.19 -45.18 12.84
N LYS D 40 16.24 -46.18 11.97
CA LYS D 40 16.34 -47.59 12.36
C LYS D 40 17.70 -48.09 11.86
N ASN D 41 18.56 -48.53 12.78
CA ASN D 41 19.91 -49.01 12.44
C ASN D 41 20.62 -47.99 11.55
N GLY D 42 20.50 -46.71 11.91
CA GLY D 42 21.13 -45.61 11.17
C GLY D 42 20.54 -45.24 9.81
N LYS D 43 19.53 -45.97 9.34
CA LYS D 43 18.89 -45.66 8.08
C LYS D 43 17.57 -44.93 8.39
N LYS D 44 17.26 -43.96 7.55
CA LYS D 44 16.07 -43.13 7.67
C LYS D 44 14.80 -43.99 7.56
N ILE D 45 13.93 -43.88 8.54
CA ILE D 45 12.62 -44.55 8.49
C ILE D 45 11.77 -43.73 7.54
N PRO D 46 10.98 -44.38 6.64
CA PRO D 46 10.29 -43.60 5.62
C PRO D 46 8.97 -42.91 6.03
N LYS D 47 8.13 -43.57 6.83
CA LYS D 47 6.75 -43.10 7.01
C LYS D 47 6.53 -42.18 8.23
N VAL D 48 7.49 -41.31 8.55
CA VAL D 48 7.50 -40.56 9.84
C VAL D 48 6.53 -39.38 9.82
N GLU D 49 5.60 -39.36 10.78
CA GLU D 49 4.61 -38.26 10.87
C GLU D 49 5.10 -37.19 11.83
N MET D 50 4.76 -35.94 11.51
CA MET D 50 5.11 -34.80 12.34
C MET D 50 3.85 -34.07 12.79
N SER D 51 3.82 -33.65 14.04
CA SER D 51 2.81 -32.73 14.52
C SER D 51 3.09 -31.35 13.90
N ASP D 52 2.13 -30.44 13.99
CA ASP D 52 2.38 -29.07 13.58
C ASP D 52 3.34 -28.45 14.57
N MET D 53 4.27 -27.65 14.09
CA MET D 53 5.13 -26.95 15.01
C MET D 53 4.33 -25.95 15.85
N SER D 54 4.66 -25.88 17.12
CA SER D 54 4.04 -24.92 18.00
C SER D 54 5.11 -24.31 18.88
N PHE D 55 4.71 -23.48 19.83
CA PHE D 55 5.65 -22.90 20.78
C PHE D 55 5.04 -22.72 22.16
N SER D 56 5.90 -22.70 23.17
CA SER D 56 5.49 -22.63 24.58
C SER D 56 5.38 -21.20 25.04
N LYS D 57 4.92 -21.04 26.28
CA LYS D 57 4.83 -19.74 26.96
C LYS D 57 6.10 -18.92 26.83
N ASP D 58 7.25 -19.57 26.95
CA ASP D 58 8.55 -18.91 26.83
C ASP D 58 9.02 -18.61 25.40
N TRP D 59 8.17 -18.88 24.41
CA TRP D 59 8.44 -18.61 22.99
C TRP D 59 9.35 -19.61 22.28
N SER D 60 9.86 -20.61 23.01
CA SER D 60 10.64 -21.67 22.36
C SER D 60 9.72 -22.66 21.63
N PHE D 61 10.20 -23.14 20.49
CA PHE D 61 9.44 -24.05 19.66
C PHE D 61 9.52 -25.50 20.15
N TYR D 62 8.51 -26.28 19.78
CA TYR D 62 8.51 -27.71 19.99
C TYR D 62 7.75 -28.39 18.88
N ILE D 63 8.07 -29.65 18.65
CA ILE D 63 7.40 -30.45 17.64
C ILE D 63 7.59 -31.91 18.00
N LEU D 64 6.59 -32.73 17.67
CA LEU D 64 6.59 -34.14 17.96
C LEU D 64 6.66 -34.90 16.65
N ALA D 65 7.67 -35.75 16.52
CA ALA D 65 7.75 -36.72 15.43
C ALA D 65 7.35 -38.08 15.99
N HIS D 66 6.69 -38.90 15.18
CA HIS D 66 6.43 -40.27 15.60
C HIS D 66 6.30 -41.20 14.42
N THR D 67 6.51 -42.48 14.71
CA THR D 67 6.49 -43.52 13.69
C THR D 67 6.20 -44.89 14.30
N GLU D 68 5.60 -45.76 13.49
CA GLU D 68 5.38 -47.14 13.89
C GLU D 68 6.72 -47.86 13.93
N PHE D 69 6.85 -48.78 14.87
CA PHE D 69 8.06 -49.57 15.02
C PHE D 69 7.75 -50.80 15.80
N THR D 70 8.57 -51.83 15.58
CA THR D 70 8.47 -53.07 16.30
C THR D 70 9.84 -53.30 16.90
N PRO D 71 9.97 -53.12 18.21
CA PRO D 71 11.28 -53.31 18.79
C PRO D 71 11.72 -54.80 18.76
N THR D 72 13.03 -55.00 18.72
CA THR D 72 13.66 -56.32 18.69
C THR D 72 14.88 -56.30 19.58
N GLU D 73 15.40 -57.49 19.85
CA GLU D 73 16.71 -57.64 20.49
C GLU D 73 17.78 -56.76 19.85
N THR D 74 17.85 -56.77 18.52
CA THR D 74 19.04 -56.29 17.81
C THR D 74 18.92 -54.93 17.11
N ASP D 75 17.70 -54.49 16.81
CA ASP D 75 17.51 -53.23 16.05
C ASP D 75 17.66 -52.00 16.94
N THR D 76 18.39 -51.00 16.46
CA THR D 76 18.55 -49.72 17.17
C THR D 76 17.67 -48.65 16.53
N TYR D 77 17.14 -47.76 17.37
CA TYR D 77 16.30 -46.67 16.92
C TYR D 77 16.85 -45.39 17.51
N ALA D 78 16.81 -44.32 16.71
CA ALA D 78 17.34 -43.02 17.13
C ALA D 78 16.55 -41.89 16.49
N CYS D 79 16.77 -40.69 17.00
CA CYS D 79 16.24 -39.47 16.43
C CYS D 79 17.41 -38.55 16.18
N ARG D 80 17.52 -38.11 14.93
CA ARG D 80 18.61 -37.26 14.49
C ARG D 80 18.07 -35.89 14.11
N VAL D 81 18.71 -34.85 14.65
CA VAL D 81 18.22 -33.47 14.52
C VAL D 81 19.32 -32.56 14.00
N LYS D 82 19.00 -31.79 12.96
CA LYS D 82 19.90 -30.78 12.39
C LYS D 82 19.27 -29.39 12.62
N HIS D 83 20.05 -28.49 13.20
CA HIS D 83 19.58 -27.16 13.56
C HIS D 83 20.78 -26.23 13.59
N ALA D 84 20.56 -24.97 13.21
CA ALA D 84 21.64 -23.98 13.03
C ALA D 84 22.44 -23.71 14.31
N SER D 85 21.80 -23.90 15.47
CA SER D 85 22.47 -23.78 16.77
C SER D 85 23.56 -24.83 17.04
N MET D 86 23.63 -25.88 16.22
CA MET D 86 24.61 -26.95 16.39
C MET D 86 25.48 -27.08 15.14
N ALA D 87 26.79 -27.19 15.33
CA ALA D 87 27.71 -27.40 14.20
C ALA D 87 27.45 -28.74 13.53
N GLU D 88 27.18 -29.77 14.35
CA GLU D 88 26.91 -31.12 13.87
C GLU D 88 25.49 -31.57 14.24
N PRO D 89 24.88 -32.46 13.43
CA PRO D 89 23.62 -33.06 13.87
C PRO D 89 23.73 -33.80 15.21
N LYS D 90 22.68 -33.75 16.01
CA LYS D 90 22.65 -34.42 17.29
C LYS D 90 21.77 -35.65 17.15
N THR D 91 22.24 -36.77 17.70
CA THR D 91 21.54 -38.04 17.60
C THR D 91 21.27 -38.56 18.99
N VAL D 92 20.01 -38.86 19.29
CA VAL D 92 19.64 -39.45 20.57
C VAL D 92 19.05 -40.82 20.25
N TYR D 93 19.61 -41.85 20.88
CA TYR D 93 19.21 -43.22 20.66
C TYR D 93 18.09 -43.58 21.62
N TRP D 94 17.11 -44.32 21.13
CA TRP D 94 16.10 -44.91 21.99
C TRP D 94 16.76 -45.96 22.87
N ASP D 95 16.62 -45.80 24.17
CA ASP D 95 17.12 -46.72 25.16
C ASP D 95 15.89 -47.14 25.95
N ARG D 96 15.39 -48.36 25.73
CA ARG D 96 14.14 -48.80 26.36
C ARG D 96 14.12 -48.73 27.90
N ASP D 97 15.29 -48.82 28.54
CA ASP D 97 15.42 -48.77 30.00
C ASP D 97 15.49 -47.34 30.59
#